data_2CTX
# 
_entry.id   2CTX 
# 
_audit_conform.dict_name       mmcif_pdbx.dic 
_audit_conform.dict_version    5.398 
_audit_conform.dict_location   http://mmcif.pdb.org/dictionaries/ascii/mmcif_pdbx.dic 
# 
loop_
_database_2.database_id 
_database_2.database_code 
_database_2.pdbx_database_accession 
_database_2.pdbx_DOI 
PDB   2CTX         pdb_00002ctx 10.2210/pdb2ctx/pdb 
WWPDB D_1000177962 ?            ?                   
# 
loop_
_pdbx_audit_revision_history.ordinal 
_pdbx_audit_revision_history.data_content_type 
_pdbx_audit_revision_history.major_revision 
_pdbx_audit_revision_history.minor_revision 
_pdbx_audit_revision_history.revision_date 
1 'Structure model' 1 0 1993-10-31 
2 'Structure model' 1 1 2008-03-24 
3 'Structure model' 1 2 2011-07-13 
4 'Structure model' 1 3 2011-11-16 
5 'Structure model' 1 4 2017-11-29 
6 'Structure model' 1 5 2024-11-06 
# 
_pdbx_audit_revision_details.ordinal             1 
_pdbx_audit_revision_details.revision_ordinal    1 
_pdbx_audit_revision_details.data_content_type   'Structure model' 
_pdbx_audit_revision_details.provider            repository 
_pdbx_audit_revision_details.type                'Initial release' 
_pdbx_audit_revision_details.description         ? 
_pdbx_audit_revision_details.details             ? 
# 
loop_
_pdbx_audit_revision_group.ordinal 
_pdbx_audit_revision_group.revision_ordinal 
_pdbx_audit_revision_group.data_content_type 
_pdbx_audit_revision_group.group 
1 2 'Structure model' 'Version format compliance' 
2 3 'Structure model' 'Version format compliance' 
3 4 'Structure model' 'Atomic model'              
4 5 'Structure model' 'Derived calculations'      
5 5 'Structure model' Other                       
6 6 'Structure model' 'Data collection'           
7 6 'Structure model' 'Database references'       
8 6 'Structure model' 'Structure summary'         
# 
loop_
_pdbx_audit_revision_category.ordinal 
_pdbx_audit_revision_category.revision_ordinal 
_pdbx_audit_revision_category.data_content_type 
_pdbx_audit_revision_category.category 
1 5 'Structure model' pdbx_database_status      
2 5 'Structure model' struct_conf               
3 6 'Structure model' chem_comp_atom            
4 6 'Structure model' chem_comp_bond            
5 6 'Structure model' database_2                
6 6 'Structure model' pdbx_entry_details        
7 6 'Structure model' pdbx_modification_feature 
# 
loop_
_pdbx_audit_revision_item.ordinal 
_pdbx_audit_revision_item.revision_ordinal 
_pdbx_audit_revision_item.data_content_type 
_pdbx_audit_revision_item.item 
1 5 'Structure model' '_pdbx_database_status.process_site'  
2 6 'Structure model' '_database_2.pdbx_DOI'                
3 6 'Structure model' '_database_2.pdbx_database_accession' 
# 
_pdbx_database_status.status_code                     REL 
_pdbx_database_status.entry_id                        2CTX 
_pdbx_database_status.recvd_initial_deposition_date   1991-09-24 
_pdbx_database_status.deposit_site                    ? 
_pdbx_database_status.process_site                    BNL 
_pdbx_database_status.SG_entry                        . 
_pdbx_database_status.pdb_format_compatible           Y 
_pdbx_database_status.status_code_mr                  ? 
_pdbx_database_status.status_code_sf                  ? 
_pdbx_database_status.status_code_cs                  ? 
_pdbx_database_status.methods_development_category    ? 
_pdbx_database_status.status_code_nmr_data            ? 
# 
loop_
_audit_author.name 
_audit_author.pdbx_ordinal 
'Betzel, C.'   1 
'Lange, G.'    2 
'Pal, G.P.'    3 
'Wilson, K.S.' 4 
'Maelicke, A.' 5 
'Saenger, W.'  6 
# 
loop_
_citation.id 
_citation.title 
_citation.journal_abbrev 
_citation.journal_volume 
_citation.page_first 
_citation.page_last 
_citation.year 
_citation.journal_id_ASTM 
_citation.country 
_citation.journal_id_ISSN 
_citation.journal_id_CSD 
_citation.book_publisher 
_citation.pdbx_database_id_PubMed 
_citation.pdbx_database_id_DOI 
primary 'The refined crystal structure of alpha-cobratoxin from Naja naja siamensis at 2.4-A resolution.' J.Biol.Chem. 266 21530 
21536 1991 JBCHA3 US 0021-9258     0071 ?                        1939183 ? 
1       'Restrained Least-Squares'                                                                        
'Biomolecular Structure, Conformation, Function and Evolution' 1   43    ?     1981 ?      ?  0-08-023187-X 0983 
'Pergamon Press, Oxford' ?       ? 
# 
loop_
_citation_author.citation_id 
_citation_author.name 
_citation_author.ordinal 
_citation_author.identifier_ORCID 
primary 'Betzel, C.'        1 ? 
primary 'Lange, G.'         2 ? 
primary 'Pal, G.P.'         3 ? 
primary 'Wilson, K.S.'      4 ? 
primary 'Maelicke, A.'      5 ? 
primary 'Saenger, W.'       6 ? 
1       'Hendrickson, W.A.' 7 ? 
1       'Konnert, J.H.'     8 ? 
# 
_citation_editor.citation_id   1 
_citation_editor.name          'Srinivasan, R.' 
_citation_editor.ordinal       1 
# 
loop_
_entity.id 
_entity.type 
_entity.src_method 
_entity.pdbx_description 
_entity.formula_weight 
_entity.pdbx_number_of_molecules 
_entity.pdbx_ec 
_entity.pdbx_mutation 
_entity.pdbx_fragment 
_entity.details 
1 polymer man ALPHA-COBRATOXIN 7842.094 1  ? ? ? ? 
2 water   nat water            18.015   31 ? ? ? ? 
# 
_entity_poly.entity_id                      1 
_entity_poly.type                           'polypeptide(L)' 
_entity_poly.nstd_linkage                   no 
_entity_poly.nstd_monomer                   no 
_entity_poly.pdbx_seq_one_letter_code       IRCFITPDITSKDCPNGHVCYTKTWCDAFCSIRGKRVDLGCAATCPTVKTGVDIQCCSTDNCNPFPTRKRP 
_entity_poly.pdbx_seq_one_letter_code_can   IRCFITPDITSKDCPNGHVCYTKTWCDAFCSIRGKRVDLGCAATCPTVKTGVDIQCCSTDNCNPFPTRKRP 
_entity_poly.pdbx_strand_id                 A 
_entity_poly.pdbx_target_identifier         ? 
# 
_pdbx_entity_nonpoly.entity_id   2 
_pdbx_entity_nonpoly.name        water 
_pdbx_entity_nonpoly.comp_id     HOH 
# 
loop_
_entity_poly_seq.entity_id 
_entity_poly_seq.num 
_entity_poly_seq.mon_id 
_entity_poly_seq.hetero 
1 1  ILE n 
1 2  ARG n 
1 3  CYS n 
1 4  PHE n 
1 5  ILE n 
1 6  THR n 
1 7  PRO n 
1 8  ASP n 
1 9  ILE n 
1 10 THR n 
1 11 SER n 
1 12 LYS n 
1 13 ASP n 
1 14 CYS n 
1 15 PRO n 
1 16 ASN n 
1 17 GLY n 
1 18 HIS n 
1 19 VAL n 
1 20 CYS n 
1 21 TYR n 
1 22 THR n 
1 23 LYS n 
1 24 THR n 
1 25 TRP n 
1 26 CYS n 
1 27 ASP n 
1 28 ALA n 
1 29 PHE n 
1 30 CYS n 
1 31 SER n 
1 32 ILE n 
1 33 ARG n 
1 34 GLY n 
1 35 LYS n 
1 36 ARG n 
1 37 VAL n 
1 38 ASP n 
1 39 LEU n 
1 40 GLY n 
1 41 CYS n 
1 42 ALA n 
1 43 ALA n 
1 44 THR n 
1 45 CYS n 
1 46 PRO n 
1 47 THR n 
1 48 VAL n 
1 49 LYS n 
1 50 THR n 
1 51 GLY n 
1 52 VAL n 
1 53 ASP n 
1 54 ILE n 
1 55 GLN n 
1 56 CYS n 
1 57 CYS n 
1 58 SER n 
1 59 THR n 
1 60 ASP n 
1 61 ASN n 
1 62 CYS n 
1 63 ASN n 
1 64 PRO n 
1 65 PHE n 
1 66 PRO n 
1 67 THR n 
1 68 ARG n 
1 69 LYS n 
1 70 ARG n 
1 71 PRO n 
# 
_entity_src_gen.entity_id                          1 
_entity_src_gen.pdbx_src_id                        1 
_entity_src_gen.pdbx_alt_source_flag               sample 
_entity_src_gen.pdbx_seq_type                      ? 
_entity_src_gen.pdbx_beg_seq_num                   ? 
_entity_src_gen.pdbx_end_seq_num                   ? 
_entity_src_gen.gene_src_common_name               'Indian cobra' 
_entity_src_gen.gene_src_genus                     Naja 
_entity_src_gen.pdbx_gene_src_gene                 ? 
_entity_src_gen.gene_src_species                   ? 
_entity_src_gen.gene_src_strain                    ? 
_entity_src_gen.gene_src_tissue                    ? 
_entity_src_gen.gene_src_tissue_fraction           ? 
_entity_src_gen.gene_src_details                   ? 
_entity_src_gen.pdbx_gene_src_fragment             ? 
_entity_src_gen.pdbx_gene_src_scientific_name      'Naja naja' 
_entity_src_gen.pdbx_gene_src_ncbi_taxonomy_id     35670 
_entity_src_gen.pdbx_gene_src_variant              ? 
_entity_src_gen.pdbx_gene_src_cell_line            ? 
_entity_src_gen.pdbx_gene_src_atcc                 ? 
_entity_src_gen.pdbx_gene_src_organ                ? 
_entity_src_gen.pdbx_gene_src_organelle            ? 
_entity_src_gen.pdbx_gene_src_cell                 ? 
_entity_src_gen.pdbx_gene_src_cellular_location    ? 
_entity_src_gen.host_org_common_name               ? 
_entity_src_gen.pdbx_host_org_scientific_name      ? 
_entity_src_gen.pdbx_host_org_ncbi_taxonomy_id     ? 
_entity_src_gen.host_org_genus                     ? 
_entity_src_gen.pdbx_host_org_gene                 ? 
_entity_src_gen.pdbx_host_org_organ                ? 
_entity_src_gen.host_org_species                   ? 
_entity_src_gen.pdbx_host_org_tissue               ? 
_entity_src_gen.pdbx_host_org_tissue_fraction      ? 
_entity_src_gen.pdbx_host_org_strain               ? 
_entity_src_gen.pdbx_host_org_variant              ? 
_entity_src_gen.pdbx_host_org_cell_line            ? 
_entity_src_gen.pdbx_host_org_atcc                 ? 
_entity_src_gen.pdbx_host_org_culture_collection   ? 
_entity_src_gen.pdbx_host_org_cell                 ? 
_entity_src_gen.pdbx_host_org_organelle            ? 
_entity_src_gen.pdbx_host_org_cellular_location    ? 
_entity_src_gen.pdbx_host_org_vector_type          ? 
_entity_src_gen.pdbx_host_org_vector               ? 
_entity_src_gen.host_org_details                   ? 
_entity_src_gen.expression_system_id               ? 
_entity_src_gen.plasmid_name                       ? 
_entity_src_gen.plasmid_details                    ? 
_entity_src_gen.pdbx_description                   ? 
# 
loop_
_chem_comp.id 
_chem_comp.type 
_chem_comp.mon_nstd_flag 
_chem_comp.name 
_chem_comp.pdbx_synonyms 
_chem_comp.formula 
_chem_comp.formula_weight 
ALA 'L-peptide linking' y ALANINE         ? 'C3 H7 N O2'     89.093  
ARG 'L-peptide linking' y ARGININE        ? 'C6 H15 N4 O2 1' 175.209 
ASN 'L-peptide linking' y ASPARAGINE      ? 'C4 H8 N2 O3'    132.118 
ASP 'L-peptide linking' y 'ASPARTIC ACID' ? 'C4 H7 N O4'     133.103 
CYS 'L-peptide linking' y CYSTEINE        ? 'C3 H7 N O2 S'   121.158 
GLN 'L-peptide linking' y GLUTAMINE       ? 'C5 H10 N2 O3'   146.144 
GLY 'peptide linking'   y GLYCINE         ? 'C2 H5 N O2'     75.067  
HIS 'L-peptide linking' y HISTIDINE       ? 'C6 H10 N3 O2 1' 156.162 
HOH non-polymer         . WATER           ? 'H2 O'           18.015  
ILE 'L-peptide linking' y ISOLEUCINE      ? 'C6 H13 N O2'    131.173 
LEU 'L-peptide linking' y LEUCINE         ? 'C6 H13 N O2'    131.173 
LYS 'L-peptide linking' y LYSINE          ? 'C6 H15 N2 O2 1' 147.195 
PHE 'L-peptide linking' y PHENYLALANINE   ? 'C9 H11 N O2'    165.189 
PRO 'L-peptide linking' y PROLINE         ? 'C5 H9 N O2'     115.130 
SER 'L-peptide linking' y SERINE          ? 'C3 H7 N O3'     105.093 
THR 'L-peptide linking' y THREONINE       ? 'C4 H9 N O3'     119.119 
TRP 'L-peptide linking' y TRYPTOPHAN      ? 'C11 H12 N2 O2'  204.225 
TYR 'L-peptide linking' y TYROSINE        ? 'C9 H11 N O3'    181.189 
VAL 'L-peptide linking' y VALINE          ? 'C5 H11 N O2'    117.146 
# 
loop_
_pdbx_poly_seq_scheme.asym_id 
_pdbx_poly_seq_scheme.entity_id 
_pdbx_poly_seq_scheme.seq_id 
_pdbx_poly_seq_scheme.mon_id 
_pdbx_poly_seq_scheme.ndb_seq_num 
_pdbx_poly_seq_scheme.pdb_seq_num 
_pdbx_poly_seq_scheme.auth_seq_num 
_pdbx_poly_seq_scheme.pdb_mon_id 
_pdbx_poly_seq_scheme.auth_mon_id 
_pdbx_poly_seq_scheme.pdb_strand_id 
_pdbx_poly_seq_scheme.pdb_ins_code 
_pdbx_poly_seq_scheme.hetero 
A 1 1  ILE 1  1  1  ILE ILE A . n 
A 1 2  ARG 2  2  2  ARG ARG A . n 
A 1 3  CYS 3  3  3  CYS CYS A . n 
A 1 4  PHE 4  4  4  PHE PHE A . n 
A 1 5  ILE 5  5  5  ILE ILE A . n 
A 1 6  THR 6  6  6  THR THR A . n 
A 1 7  PRO 7  7  7  PRO PRO A . n 
A 1 8  ASP 8  8  8  ASP ASP A . n 
A 1 9  ILE 9  9  9  ILE ILE A . n 
A 1 10 THR 10 10 10 THR THR A . n 
A 1 11 SER 11 11 11 SER SER A . n 
A 1 12 LYS 12 12 12 LYS LYS A . n 
A 1 13 ASP 13 13 13 ASP ASP A . n 
A 1 14 CYS 14 14 14 CYS CYS A . n 
A 1 15 PRO 15 15 15 PRO PRO A . n 
A 1 16 ASN 16 16 16 ASN ASN A . n 
A 1 17 GLY 17 17 17 GLY GLY A . n 
A 1 18 HIS 18 18 18 HIS HIS A . n 
A 1 19 VAL 19 19 19 VAL VAL A . n 
A 1 20 CYS 20 20 20 CYS CYS A . n 
A 1 21 TYR 21 21 21 TYR TYR A . n 
A 1 22 THR 22 22 22 THR THR A . n 
A 1 23 LYS 23 23 23 LYS LYS A . n 
A 1 24 THR 24 24 24 THR THR A . n 
A 1 25 TRP 25 25 25 TRP TRP A . n 
A 1 26 CYS 26 26 26 CYS CYS A . n 
A 1 27 ASP 27 27 27 ASP ASP A . n 
A 1 28 ALA 28 28 28 ALA ALA A . n 
A 1 29 PHE 29 29 29 PHE PHE A . n 
A 1 30 CYS 30 30 30 CYS CYS A . n 
A 1 31 SER 31 31 31 SER SER A . n 
A 1 32 ILE 32 32 32 ILE ILE A . n 
A 1 33 ARG 33 33 33 ARG ARG A . n 
A 1 34 GLY 34 34 34 GLY GLY A . n 
A 1 35 LYS 35 35 35 LYS LYS A . n 
A 1 36 ARG 36 36 36 ARG ARG A . n 
A 1 37 VAL 37 37 37 VAL VAL A . n 
A 1 38 ASP 38 38 38 ASP ASP A . n 
A 1 39 LEU 39 39 39 LEU LEU A . n 
A 1 40 GLY 40 40 40 GLY GLY A . n 
A 1 41 CYS 41 41 41 CYS CYS A . n 
A 1 42 ALA 42 42 42 ALA ALA A . n 
A 1 43 ALA 43 43 43 ALA ALA A . n 
A 1 44 THR 44 44 44 THR THR A . n 
A 1 45 CYS 45 45 45 CYS CYS A . n 
A 1 46 PRO 46 46 46 PRO PRO A . n 
A 1 47 THR 47 47 47 THR THR A . n 
A 1 48 VAL 48 48 48 VAL VAL A . n 
A 1 49 LYS 49 49 49 LYS LYS A . n 
A 1 50 THR 50 50 50 THR THR A . n 
A 1 51 GLY 51 51 51 GLY GLY A . n 
A 1 52 VAL 52 52 52 VAL VAL A . n 
A 1 53 ASP 53 53 53 ASP ASP A . n 
A 1 54 ILE 54 54 54 ILE ILE A . n 
A 1 55 GLN 55 55 55 GLN GLN A . n 
A 1 56 CYS 56 56 56 CYS CYS A . n 
A 1 57 CYS 57 57 57 CYS CYS A . n 
A 1 58 SER 58 58 58 SER SER A . n 
A 1 59 THR 59 59 59 THR THR A . n 
A 1 60 ASP 60 60 60 ASP ASP A . n 
A 1 61 ASN 61 61 61 ASN ASN A . n 
A 1 62 CYS 62 62 62 CYS CYS A . n 
A 1 63 ASN 63 63 63 ASN ASN A . n 
A 1 64 PRO 64 64 64 PRO PRO A . n 
A 1 65 PHE 65 65 65 PHE PHE A . n 
A 1 66 PRO 66 66 66 PRO PRO A . n 
A 1 67 THR 67 67 67 THR THR A . n 
A 1 68 ARG 68 68 68 ARG ARG A . n 
A 1 69 LYS 69 69 69 LYS LYS A . n 
A 1 70 ARG 70 70 70 ARG ARG A . n 
A 1 71 PRO 71 71 71 PRO PRO A . n 
# 
loop_
_pdbx_nonpoly_scheme.asym_id 
_pdbx_nonpoly_scheme.entity_id 
_pdbx_nonpoly_scheme.mon_id 
_pdbx_nonpoly_scheme.ndb_seq_num 
_pdbx_nonpoly_scheme.pdb_seq_num 
_pdbx_nonpoly_scheme.auth_seq_num 
_pdbx_nonpoly_scheme.pdb_mon_id 
_pdbx_nonpoly_scheme.auth_mon_id 
_pdbx_nonpoly_scheme.pdb_strand_id 
_pdbx_nonpoly_scheme.pdb_ins_code 
B 2 HOH 1  72  72  HOH HOH A . 
B 2 HOH 2  73  73  HOH HOH A . 
B 2 HOH 3  74  74  HOH HOH A . 
B 2 HOH 4  75  75  HOH HOH A . 
B 2 HOH 5  76  76  HOH HOH A . 
B 2 HOH 6  77  77  HOH HOH A . 
B 2 HOH 7  78  78  HOH HOH A . 
B 2 HOH 8  79  79  HOH HOH A . 
B 2 HOH 9  80  80  HOH HOH A . 
B 2 HOH 10 81  81  HOH HOH A . 
B 2 HOH 11 82  82  HOH HOH A . 
B 2 HOH 12 83  83  HOH HOH A . 
B 2 HOH 13 84  84  HOH HOH A . 
B 2 HOH 14 85  85  HOH HOH A . 
B 2 HOH 15 86  86  HOH HOH A . 
B 2 HOH 16 87  87  HOH HOH A . 
B 2 HOH 17 88  88  HOH HOH A . 
B 2 HOH 18 89  89  HOH HOH A . 
B 2 HOH 19 90  90  HOH HOH A . 
B 2 HOH 20 91  91  HOH HOH A . 
B 2 HOH 21 92  92  HOH HOH A . 
B 2 HOH 22 93  93  HOH HOH A . 
B 2 HOH 23 94  94  HOH HOH A . 
B 2 HOH 24 95  95  HOH HOH A . 
B 2 HOH 25 96  96  HOH HOH A . 
B 2 HOH 26 97  97  HOH HOH A . 
B 2 HOH 27 98  98  HOH HOH A . 
B 2 HOH 28 99  99  HOH HOH A . 
B 2 HOH 29 100 100 HOH HOH A . 
B 2 HOH 30 101 101 HOH HOH A . 
B 2 HOH 31 102 102 HOH HOH A . 
# 
loop_
_pdbx_unobs_or_zero_occ_atoms.id 
_pdbx_unobs_or_zero_occ_atoms.PDB_model_num 
_pdbx_unobs_or_zero_occ_atoms.polymer_flag 
_pdbx_unobs_or_zero_occ_atoms.occupancy_flag 
_pdbx_unobs_or_zero_occ_atoms.auth_asym_id 
_pdbx_unobs_or_zero_occ_atoms.auth_comp_id 
_pdbx_unobs_or_zero_occ_atoms.auth_seq_id 
_pdbx_unobs_or_zero_occ_atoms.PDB_ins_code 
_pdbx_unobs_or_zero_occ_atoms.auth_atom_id 
_pdbx_unobs_or_zero_occ_atoms.label_alt_id 
_pdbx_unobs_or_zero_occ_atoms.label_asym_id 
_pdbx_unobs_or_zero_occ_atoms.label_comp_id 
_pdbx_unobs_or_zero_occ_atoms.label_seq_id 
_pdbx_unobs_or_zero_occ_atoms.label_atom_id 
1  1 Y 1 A ILE 9  ? CB  ? A ILE 9  CB  
2  1 Y 1 A ILE 9  ? CG1 ? A ILE 9  CG1 
3  1 Y 1 A ILE 9  ? CG2 ? A ILE 9  CG2 
4  1 Y 1 A ILE 9  ? CD1 ? A ILE 9  CD1 
5  1 Y 1 A ALA 28 ? CB  ? A ALA 28 CB  
6  1 Y 1 A ARG 68 ? CB  ? A ARG 68 CB  
7  1 Y 1 A ARG 68 ? CG  ? A ARG 68 CG  
8  1 Y 1 A ARG 68 ? CD  ? A ARG 68 CD  
9  1 Y 1 A ARG 68 ? NE  ? A ARG 68 NE  
10 1 Y 1 A ARG 68 ? CZ  ? A ARG 68 CZ  
11 1 Y 1 A ARG 68 ? NH1 ? A ARG 68 NH1 
12 1 Y 1 A ARG 68 ? NH2 ? A ARG 68 NH2 
13 1 Y 1 A LYS 69 ? CB  ? A LYS 69 CB  
14 1 Y 1 A LYS 69 ? CG  ? A LYS 69 CG  
15 1 Y 1 A LYS 69 ? CD  ? A LYS 69 CD  
16 1 Y 1 A LYS 69 ? CE  ? A LYS 69 CE  
17 1 Y 1 A LYS 69 ? NZ  ? A LYS 69 NZ  
18 1 Y 1 A ARG 70 ? CG  ? A ARG 70 CG  
19 1 Y 1 A ARG 70 ? CD  ? A ARG 70 CD  
20 1 Y 1 A ARG 70 ? NE  ? A ARG 70 NE  
21 1 Y 1 A ARG 70 ? CZ  ? A ARG 70 CZ  
22 1 Y 1 A ARG 70 ? NH1 ? A ARG 70 NH1 
23 1 Y 1 A ARG 70 ? NH2 ? A ARG 70 NH2 
# 
_software.name             PROLSQ 
_software.classification   refinement 
_software.version          . 
_software.citation_id      ? 
_software.pdbx_ordinal     1 
# 
_cell.entry_id           2CTX 
_cell.length_a           76.610 
_cell.length_b           76.610 
_cell.length_c           42.760 
_cell.angle_alpha        90.00 
_cell.angle_beta         90.00 
_cell.angle_gamma        120.00 
_cell.Z_PDB              12 
_cell.pdbx_unique_axis   ? 
# 
_symmetry.entry_id                         2CTX 
_symmetry.space_group_name_H-M             'P 65 2 2' 
_symmetry.pdbx_full_space_group_name_H-M   ? 
_symmetry.cell_setting                     ? 
_symmetry.Int_Tables_number                179 
# 
_exptl.entry_id          2CTX 
_exptl.method            'X-RAY DIFFRACTION' 
_exptl.crystals_number   ? 
# 
_exptl_crystal.id                    1 
_exptl_crystal.density_meas          ? 
_exptl_crystal.density_Matthews      2.31 
_exptl_crystal.density_percent_sol   46.70 
_exptl_crystal.description           ? 
# 
_refine.entry_id                                 2CTX 
_refine.ls_number_reflns_obs                     3271 
_refine.ls_number_reflns_all                     ? 
_refine.pdbx_ls_sigma_I                          ? 
_refine.pdbx_ls_sigma_F                          0.0 
_refine.pdbx_data_cutoff_high_absF               ? 
_refine.pdbx_data_cutoff_low_absF                ? 
_refine.pdbx_data_cutoff_high_rms_absF           ? 
_refine.ls_d_res_low                             10.0 
_refine.ls_d_res_high                            2.4 
_refine.ls_percent_reflns_obs                    ? 
_refine.ls_R_factor_obs                          0.195 
_refine.ls_R_factor_all                          ? 
_refine.ls_R_factor_R_work                       ? 
_refine.ls_R_factor_R_free                       ? 
_refine.ls_R_factor_R_free_error                 ? 
_refine.ls_R_factor_R_free_error_details         ? 
_refine.ls_percent_reflns_R_free                 ? 
_refine.ls_number_reflns_R_free                  ? 
_refine.ls_number_parameters                     ? 
_refine.ls_number_restraints                     ? 
_refine.occupancy_min                            ? 
_refine.occupancy_max                            ? 
_refine.B_iso_mean                               ? 
_refine.aniso_B[1][1]                            ? 
_refine.aniso_B[2][2]                            ? 
_refine.aniso_B[3][3]                            ? 
_refine.aniso_B[1][2]                            ? 
_refine.aniso_B[1][3]                            ? 
_refine.aniso_B[2][3]                            ? 
_refine.solvent_model_details                    ? 
_refine.solvent_model_param_ksol                 ? 
_refine.solvent_model_param_bsol                 ? 
_refine.pdbx_ls_cross_valid_method               ? 
_refine.details                                  ? 
_refine.pdbx_starting_model                      ? 
_refine.pdbx_method_to_determine_struct          ? 
_refine.pdbx_isotropic_thermal_model             ? 
_refine.pdbx_stereochemistry_target_values       ? 
_refine.pdbx_stereochem_target_val_spec_case     ? 
_refine.pdbx_R_Free_selection_details            ? 
_refine.pdbx_overall_ESU_R                       ? 
_refine.pdbx_overall_ESU_R_Free                  ? 
_refine.overall_SU_ML                            ? 
_refine.overall_SU_B                             ? 
_refine.pdbx_refine_id                           'X-RAY DIFFRACTION' 
_refine.pdbx_diffrn_id                           1 
_refine.pdbx_TLS_residual_ADP_flag               ? 
_refine.correlation_coeff_Fo_to_Fc               ? 
_refine.correlation_coeff_Fo_to_Fc_free          ? 
_refine.pdbx_solvent_vdw_probe_radii             ? 
_refine.pdbx_solvent_ion_probe_radii             ? 
_refine.pdbx_solvent_shrinkage_radii             ? 
_refine.pdbx_overall_phase_error                 ? 
_refine.overall_SU_R_Cruickshank_DPI             ? 
_refine.pdbx_overall_SU_R_free_Cruickshank_DPI   ? 
_refine.pdbx_overall_SU_R_Blow_DPI               ? 
_refine.pdbx_overall_SU_R_free_Blow_DPI          ? 
# 
_refine_hist.pdbx_refine_id                   'X-RAY DIFFRACTION' 
_refine_hist.cycle_id                         LAST 
_refine_hist.pdbx_number_atoms_protein        518 
_refine_hist.pdbx_number_atoms_nucleic_acid   0 
_refine_hist.pdbx_number_atoms_ligand         0 
_refine_hist.number_atoms_solvent             31 
_refine_hist.number_atoms_total               549 
_refine_hist.d_res_high                       2.4 
_refine_hist.d_res_low                        10.0 
# 
loop_
_refine_ls_restr.type 
_refine_ls_restr.dev_ideal 
_refine_ls_restr.dev_ideal_target 
_refine_ls_restr.weight 
_refine_ls_restr.number 
_refine_ls_restr.pdbx_refine_id 
_refine_ls_restr.pdbx_restraint_function 
p_bond_d            0.018 0.010 ? ? 'X-RAY DIFFRACTION' ? 
p_angle_d           0.071 0.020 ? ? 'X-RAY DIFFRACTION' ? 
p_angle_deg         ?     ?     ? ? 'X-RAY DIFFRACTION' ? 
p_planar_d          0.085 0.040 ? ? 'X-RAY DIFFRACTION' ? 
p_hb_or_metal_coord ?     ?     ? ? 'X-RAY DIFFRACTION' ? 
p_mcbond_it         1.691 1.000 ? ? 'X-RAY DIFFRACTION' ? 
p_mcangle_it        2.865 1.000 ? ? 'X-RAY DIFFRACTION' ? 
p_scbond_it         1.673 1.300 ? ? 'X-RAY DIFFRACTION' ? 
p_scangle_it        2.904 1.300 ? ? 'X-RAY DIFFRACTION' ? 
p_plane_restr       0.014 0.020 ? ? 'X-RAY DIFFRACTION' ? 
p_chiral_restr      0.256 0.100 ? ? 'X-RAY DIFFRACTION' ? 
p_singtor_nbd       0.247 0.500 ? ? 'X-RAY DIFFRACTION' ? 
p_multtor_nbd       0.403 0.500 ? ? 'X-RAY DIFFRACTION' ? 
p_xhyhbond_nbd      0.349 0.500 ? ? 'X-RAY DIFFRACTION' ? 
p_xyhbond_nbd       ?     ?     ? ? 'X-RAY DIFFRACTION' ? 
p_planar_tor        2.6   1.300 ? ? 'X-RAY DIFFRACTION' ? 
p_staggered_tor     26.8  12.00 ? ? 'X-RAY DIFFRACTION' ? 
p_orthonormal_tor   23.1  13.00 ? ? 'X-RAY DIFFRACTION' ? 
p_transverse_tor    ?     ?     ? ? 'X-RAY DIFFRACTION' ? 
p_special_tor       ?     ?     ? ? 'X-RAY DIFFRACTION' ? 
# 
_struct.entry_id                  2CTX 
_struct.title                     
'THE REFINED CRYSTAL STRUCTURE OF ALPHA-COBRATOXIN FROM NAJA NAJA SIAMENSIS AT 2.4-ANGSTROMS RESOLUTION' 
_struct.pdbx_model_details        ? 
_struct.pdbx_CASP_flag            ? 
_struct.pdbx_model_type_details   ? 
# 
_struct_keywords.entry_id        2CTX 
_struct_keywords.pdbx_keywords   NEUROTOXIN 
_struct_keywords.text            NEUROTOXIN 
# 
loop_
_struct_asym.id 
_struct_asym.pdbx_blank_PDB_chainid_flag 
_struct_asym.pdbx_modified 
_struct_asym.entity_id 
_struct_asym.details 
A N N 1 ? 
B N N 2 ? 
# 
_struct_ref.id                         1 
_struct_ref.db_name                    UNP 
_struct_ref.db_code                    NXL3_NAJNA 
_struct_ref.entity_id                  1 
_struct_ref.pdbx_db_accession          P25671 
_struct_ref.pdbx_align_begin           1 
_struct_ref.pdbx_seq_one_letter_code   IRCFITPDITSKDCPNGHVCYTKTWCDAFCSIRGKRVDLGCAATCPTVKTGVDIQCCSTDNCNPFPTRKRP 
_struct_ref.pdbx_db_isoform            ? 
# 
_struct_ref_seq.align_id                      1 
_struct_ref_seq.ref_id                        1 
_struct_ref_seq.pdbx_PDB_id_code              2CTX 
_struct_ref_seq.pdbx_strand_id                A 
_struct_ref_seq.seq_align_beg                 1 
_struct_ref_seq.pdbx_seq_align_beg_ins_code   ? 
_struct_ref_seq.seq_align_end                 71 
_struct_ref_seq.pdbx_seq_align_end_ins_code   ? 
_struct_ref_seq.pdbx_db_accession             P25671 
_struct_ref_seq.db_align_beg                  1 
_struct_ref_seq.pdbx_db_align_beg_ins_code    ? 
_struct_ref_seq.db_align_end                  71 
_struct_ref_seq.pdbx_db_align_end_ins_code    ? 
_struct_ref_seq.pdbx_auth_seq_align_beg       1 
_struct_ref_seq.pdbx_auth_seq_align_end       71 
# 
_pdbx_struct_assembly.id                   1 
_pdbx_struct_assembly.details              author_defined_assembly 
_pdbx_struct_assembly.method_details       ? 
_pdbx_struct_assembly.oligomeric_details   dimeric 
_pdbx_struct_assembly.oligomeric_count     2 
# 
_pdbx_struct_assembly_gen.assembly_id       1 
_pdbx_struct_assembly_gen.oper_expression   1,2 
_pdbx_struct_assembly_gen.asym_id_list      A,B 
# 
loop_
_pdbx_struct_oper_list.id 
_pdbx_struct_oper_list.type 
_pdbx_struct_oper_list.name 
_pdbx_struct_oper_list.symmetry_operation 
_pdbx_struct_oper_list.matrix[1][1] 
_pdbx_struct_oper_list.matrix[1][2] 
_pdbx_struct_oper_list.matrix[1][3] 
_pdbx_struct_oper_list.vector[1] 
_pdbx_struct_oper_list.matrix[2][1] 
_pdbx_struct_oper_list.matrix[2][2] 
_pdbx_struct_oper_list.matrix[2][3] 
_pdbx_struct_oper_list.vector[2] 
_pdbx_struct_oper_list.matrix[3][1] 
_pdbx_struct_oper_list.matrix[3][2] 
_pdbx_struct_oper_list.matrix[3][3] 
_pdbx_struct_oper_list.vector[3] 
1 'identity operation'         1_555 x,y,z      1.0000000000  0.0000000000  0.0000000000 0.0000000000  0.0000000000  1.0000000000  0.0000000000  0.0000000000 0.0000000000 0.0000000000  1.0000000000  0.0000000000  
2 'crystal symmetry operation' 7_555 y,x,-z+2/3 -0.2081136742 -0.4761388858 0.8543889396 -8.9100098327 -0.4761388858 -0.7137111336 -0.5137199425 7.5675652785 0.8543889396 -0.5137199425 -0.0781751922 12.4754974649 
# 
_struct_biol.id   1 
# 
loop_
_struct_conn.id 
_struct_conn.conn_type_id 
_struct_conn.pdbx_leaving_atom_flag 
_struct_conn.pdbx_PDB_id 
_struct_conn.ptnr1_label_asym_id 
_struct_conn.ptnr1_label_comp_id 
_struct_conn.ptnr1_label_seq_id 
_struct_conn.ptnr1_label_atom_id 
_struct_conn.pdbx_ptnr1_label_alt_id 
_struct_conn.pdbx_ptnr1_PDB_ins_code 
_struct_conn.pdbx_ptnr1_standard_comp_id 
_struct_conn.ptnr1_symmetry 
_struct_conn.ptnr2_label_asym_id 
_struct_conn.ptnr2_label_comp_id 
_struct_conn.ptnr2_label_seq_id 
_struct_conn.ptnr2_label_atom_id 
_struct_conn.pdbx_ptnr2_label_alt_id 
_struct_conn.pdbx_ptnr2_PDB_ins_code 
_struct_conn.ptnr1_auth_asym_id 
_struct_conn.ptnr1_auth_comp_id 
_struct_conn.ptnr1_auth_seq_id 
_struct_conn.ptnr2_auth_asym_id 
_struct_conn.ptnr2_auth_comp_id 
_struct_conn.ptnr2_auth_seq_id 
_struct_conn.ptnr2_symmetry 
_struct_conn.pdbx_ptnr3_label_atom_id 
_struct_conn.pdbx_ptnr3_label_seq_id 
_struct_conn.pdbx_ptnr3_label_comp_id 
_struct_conn.pdbx_ptnr3_label_asym_id 
_struct_conn.pdbx_ptnr3_label_alt_id 
_struct_conn.pdbx_ptnr3_PDB_ins_code 
_struct_conn.details 
_struct_conn.pdbx_dist_value 
_struct_conn.pdbx_value_order 
_struct_conn.pdbx_role 
disulf1 disulf ? ? A CYS 3  SG ? ? ? 1_555 A CYS 20 SG ? ? A CYS 3  A CYS 20 1_555 ? ? ? ? ? ? ? 2.057 ? ? 
disulf2 disulf ? ? A CYS 14 SG ? ? ? 1_555 A CYS 41 SG ? ? A CYS 14 A CYS 41 1_555 ? ? ? ? ? ? ? 2.079 ? ? 
disulf3 disulf ? ? A CYS 26 SG ? ? ? 1_555 A CYS 30 SG ? ? A CYS 26 A CYS 30 1_555 ? ? ? ? ? ? ? 2.041 ? ? 
disulf4 disulf ? ? A CYS 45 SG ? ? ? 1_555 A CYS 56 SG ? ? A CYS 45 A CYS 56 1_555 ? ? ? ? ? ? ? 2.064 ? ? 
disulf5 disulf ? ? A CYS 57 SG ? ? ? 1_555 A CYS 62 SG ? ? A CYS 57 A CYS 62 1_555 ? ? ? ? ? ? ? 2.096 ? ? 
# 
_struct_conn_type.id          disulf 
_struct_conn_type.criteria    ? 
_struct_conn_type.reference   ? 
# 
loop_
_pdbx_modification_feature.ordinal 
_pdbx_modification_feature.label_comp_id 
_pdbx_modification_feature.label_asym_id 
_pdbx_modification_feature.label_seq_id 
_pdbx_modification_feature.label_alt_id 
_pdbx_modification_feature.modified_residue_label_comp_id 
_pdbx_modification_feature.modified_residue_label_asym_id 
_pdbx_modification_feature.modified_residue_label_seq_id 
_pdbx_modification_feature.modified_residue_label_alt_id 
_pdbx_modification_feature.auth_comp_id 
_pdbx_modification_feature.auth_asym_id 
_pdbx_modification_feature.auth_seq_id 
_pdbx_modification_feature.PDB_ins_code 
_pdbx_modification_feature.symmetry 
_pdbx_modification_feature.modified_residue_auth_comp_id 
_pdbx_modification_feature.modified_residue_auth_asym_id 
_pdbx_modification_feature.modified_residue_auth_seq_id 
_pdbx_modification_feature.modified_residue_PDB_ins_code 
_pdbx_modification_feature.modified_residue_symmetry 
_pdbx_modification_feature.comp_id_linking_atom 
_pdbx_modification_feature.modified_residue_id_linking_atom 
_pdbx_modification_feature.modified_residue_id 
_pdbx_modification_feature.ref_pcm_id 
_pdbx_modification_feature.ref_comp_id 
_pdbx_modification_feature.type 
_pdbx_modification_feature.category 
1 CYS A 3  ? CYS A 20 ? CYS A 3  ? 1_555 CYS A 20 ? 1_555 SG SG . . . None 'Disulfide bridge' 
2 CYS A 14 ? CYS A 41 ? CYS A 14 ? 1_555 CYS A 41 ? 1_555 SG SG . . . None 'Disulfide bridge' 
3 CYS A 26 ? CYS A 30 ? CYS A 26 ? 1_555 CYS A 30 ? 1_555 SG SG . . . None 'Disulfide bridge' 
4 CYS A 45 ? CYS A 56 ? CYS A 45 ? 1_555 CYS A 56 ? 1_555 SG SG . . . None 'Disulfide bridge' 
5 CYS A 57 ? CYS A 62 ? CYS A 57 ? 1_555 CYS A 62 ? 1_555 SG SG . . . None 'Disulfide bridge' 
# 
_struct_mon_prot_cis.pdbx_id                1 
_struct_mon_prot_cis.label_comp_id          THR 
_struct_mon_prot_cis.label_seq_id           6 
_struct_mon_prot_cis.label_asym_id          A 
_struct_mon_prot_cis.label_alt_id           . 
_struct_mon_prot_cis.pdbx_PDB_ins_code      ? 
_struct_mon_prot_cis.auth_comp_id           THR 
_struct_mon_prot_cis.auth_seq_id            6 
_struct_mon_prot_cis.auth_asym_id           A 
_struct_mon_prot_cis.pdbx_label_comp_id_2   PRO 
_struct_mon_prot_cis.pdbx_label_seq_id_2    7 
_struct_mon_prot_cis.pdbx_label_asym_id_2   A 
_struct_mon_prot_cis.pdbx_PDB_ins_code_2    ? 
_struct_mon_prot_cis.pdbx_auth_comp_id_2    PRO 
_struct_mon_prot_cis.pdbx_auth_seq_id_2     7 
_struct_mon_prot_cis.pdbx_auth_asym_id_2    A 
_struct_mon_prot_cis.pdbx_PDB_model_num     1 
_struct_mon_prot_cis.pdbx_omega_angle       3.62 
# 
loop_
_struct_sheet.id 
_struct_sheet.type 
_struct_sheet.number_strands 
_struct_sheet.details 
A ? 3 ? 
B ? 2 ? 
# 
loop_
_struct_sheet_order.sheet_id 
_struct_sheet_order.range_id_1 
_struct_sheet_order.range_id_2 
_struct_sheet_order.offset 
_struct_sheet_order.sense 
A 1 2 ? anti-parallel 
A 2 3 ? anti-parallel 
B 1 2 ? anti-parallel 
# 
loop_
_struct_sheet_range.sheet_id 
_struct_sheet_range.id 
_struct_sheet_range.beg_label_comp_id 
_struct_sheet_range.beg_label_asym_id 
_struct_sheet_range.beg_label_seq_id 
_struct_sheet_range.pdbx_beg_PDB_ins_code 
_struct_sheet_range.end_label_comp_id 
_struct_sheet_range.end_label_asym_id 
_struct_sheet_range.end_label_seq_id 
_struct_sheet_range.pdbx_end_PDB_ins_code 
_struct_sheet_range.beg_auth_comp_id 
_struct_sheet_range.beg_auth_asym_id 
_struct_sheet_range.beg_auth_seq_id 
_struct_sheet_range.end_auth_comp_id 
_struct_sheet_range.end_auth_asym_id 
_struct_sheet_range.end_auth_seq_id 
A 1 ARG A 36 ? GLY A 40 ? ARG A 36 GLY A 40 
A 2 CYS A 20 ? TRP A 25 ? CYS A 20 TRP A 25 
A 3 ASP A 53 ? CYS A 57 ? ASP A 53 CYS A 57 
B 1 CYS A 3  ? PHE A 4  ? CYS A 3  PHE A 4  
B 2 LYS A 12 ? ASP A 13 ? LYS A 12 ASP A 13 
# 
_pdbx_entry_details.entry_id                   2CTX 
_pdbx_entry_details.compound_details           ? 
_pdbx_entry_details.source_details             ? 
_pdbx_entry_details.nonpolymer_details         ? 
_pdbx_entry_details.sequence_details           ? 
_pdbx_entry_details.has_ligand_of_interest     ? 
_pdbx_entry_details.has_protein_modification   Y 
# 
_pdbx_validate_close_contact.id               1 
_pdbx_validate_close_contact.PDB_model_num    1 
_pdbx_validate_close_contact.auth_atom_id_1   OD2 
_pdbx_validate_close_contact.auth_asym_id_1   A 
_pdbx_validate_close_contact.auth_comp_id_1   ASP 
_pdbx_validate_close_contact.auth_seq_id_1    13 
_pdbx_validate_close_contact.PDB_ins_code_1   ? 
_pdbx_validate_close_contact.label_alt_id_1   ? 
_pdbx_validate_close_contact.auth_atom_id_2   O 
_pdbx_validate_close_contact.auth_asym_id_2   A 
_pdbx_validate_close_contact.auth_comp_id_2   HOH 
_pdbx_validate_close_contact.auth_seq_id_2    90 
_pdbx_validate_close_contact.PDB_ins_code_2   ? 
_pdbx_validate_close_contact.label_alt_id_2   ? 
_pdbx_validate_close_contact.dist             2.11 
# 
loop_
_pdbx_validate_symm_contact.id 
_pdbx_validate_symm_contact.PDB_model_num 
_pdbx_validate_symm_contact.auth_atom_id_1 
_pdbx_validate_symm_contact.auth_asym_id_1 
_pdbx_validate_symm_contact.auth_comp_id_1 
_pdbx_validate_symm_contact.auth_seq_id_1 
_pdbx_validate_symm_contact.PDB_ins_code_1 
_pdbx_validate_symm_contact.label_alt_id_1 
_pdbx_validate_symm_contact.site_symmetry_1 
_pdbx_validate_symm_contact.auth_atom_id_2 
_pdbx_validate_symm_contact.auth_asym_id_2 
_pdbx_validate_symm_contact.auth_comp_id_2 
_pdbx_validate_symm_contact.auth_seq_id_2 
_pdbx_validate_symm_contact.PDB_ins_code_2 
_pdbx_validate_symm_contact.label_alt_id_2 
_pdbx_validate_symm_contact.site_symmetry_2 
_pdbx_validate_symm_contact.dist 
1 1 CE1 A PHE 29 ? ? 1_555 CE2 A PHE 65 ? ? 6_654  2.09 
2 1 O   A HOH 84 ? ? 1_555 O   A HOH 84 ? ? 12_565 2.16 
# 
loop_
_pdbx_validate_rmsd_angle.id 
_pdbx_validate_rmsd_angle.PDB_model_num 
_pdbx_validate_rmsd_angle.auth_atom_id_1 
_pdbx_validate_rmsd_angle.auth_asym_id_1 
_pdbx_validate_rmsd_angle.auth_comp_id_1 
_pdbx_validate_rmsd_angle.auth_seq_id_1 
_pdbx_validate_rmsd_angle.PDB_ins_code_1 
_pdbx_validate_rmsd_angle.label_alt_id_1 
_pdbx_validate_rmsd_angle.auth_atom_id_2 
_pdbx_validate_rmsd_angle.auth_asym_id_2 
_pdbx_validate_rmsd_angle.auth_comp_id_2 
_pdbx_validate_rmsd_angle.auth_seq_id_2 
_pdbx_validate_rmsd_angle.PDB_ins_code_2 
_pdbx_validate_rmsd_angle.label_alt_id_2 
_pdbx_validate_rmsd_angle.auth_atom_id_3 
_pdbx_validate_rmsd_angle.auth_asym_id_3 
_pdbx_validate_rmsd_angle.auth_comp_id_3 
_pdbx_validate_rmsd_angle.auth_seq_id_3 
_pdbx_validate_rmsd_angle.PDB_ins_code_3 
_pdbx_validate_rmsd_angle.label_alt_id_3 
_pdbx_validate_rmsd_angle.angle_value 
_pdbx_validate_rmsd_angle.angle_target_value 
_pdbx_validate_rmsd_angle.angle_deviation 
_pdbx_validate_rmsd_angle.angle_standard_deviation 
_pdbx_validate_rmsd_angle.linker_flag 
1  1 CD  A ARG 2  ? ? NE A ARG 2  ? ? CZ  A ARG 2  ? ? 163.54 123.60 39.94  1.40 N 
2  1 NH1 A ARG 2  ? ? CZ A ARG 2  ? ? NH2 A ARG 2  ? ? 129.96 119.40 10.56  1.10 N 
3  1 NE  A ARG 2  ? ? CZ A ARG 2  ? ? NH1 A ARG 2  ? ? 115.99 120.30 -4.31  0.50 N 
4  1 NE  A ARG 2  ? ? CZ A ARG 2  ? ? NH2 A ARG 2  ? ? 114.05 120.30 -6.25  0.50 N 
5  1 CA  A ARG 2  ? ? C  A ARG 2  ? ? N   A CYS 3  ? ? 102.15 117.20 -15.05 2.20 Y 
6  1 CB  A PHE 4  ? ? CG A PHE 4  ? ? CD2 A PHE 4  ? ? 125.34 120.80 4.54   0.70 N 
7  1 CA  A THR 10 ? ? CB A THR 10 ? ? CG2 A THR 10 ? ? 133.11 112.40 20.71  1.40 N 
8  1 CA  A ASN 16 ? ? CB A ASN 16 ? ? CG  A ASN 16 ? ? 99.77  113.40 -13.63 2.20 N 
9  1 N   A CYS 20 ? ? CA A CYS 20 ? ? CB  A CYS 20 ? ? 120.65 110.80 9.85   1.50 N 
10 1 CA  A CYS 26 ? ? CB A CYS 26 ? ? SG  A CYS 26 ? ? 127.50 114.20 13.30  1.10 N 
11 1 CA  A CYS 30 ? ? CB A CYS 30 ? ? SG  A CYS 30 ? ? 94.54  114.00 -19.46 1.80 N 
12 1 C   A CYS 30 ? ? N  A SER 31 ? ? CA  A SER 31 ? ? 137.98 121.70 16.28  2.50 Y 
13 1 CD  A ARG 36 ? ? NE A ARG 36 ? ? CZ  A ARG 36 ? ? 114.26 123.60 -9.34  1.40 N 
14 1 NE  A ARG 36 ? ? CZ A ARG 36 ? ? NH1 A ARG 36 ? ? 108.25 120.30 -12.05 0.50 N 
15 1 NE  A ARG 36 ? ? CZ A ARG 36 ? ? NH2 A ARG 36 ? ? 133.11 120.30 12.81  0.50 N 
16 1 CA  A VAL 37 ? ? CB A VAL 37 ? ? CG2 A VAL 37 ? ? 125.24 110.90 14.34  1.50 N 
17 1 CA  A LEU 39 ? ? CB A LEU 39 ? ? CG  A LEU 39 ? ? 134.52 115.30 19.22  2.30 N 
18 1 N   A CYS 41 ? ? CA A CYS 41 ? ? CB  A CYS 41 ? ? 123.10 110.80 12.30  1.50 N 
19 1 CB  A ALA 42 ? ? CA A ALA 42 ? ? C   A ALA 42 ? ? 119.33 110.10 9.23   1.50 N 
20 1 N   A ALA 43 ? ? CA A ALA 43 ? ? CB  A ALA 43 ? ? 120.05 110.10 9.95   1.40 N 
21 1 O   A ALA 43 ? ? C  A ALA 43 ? ? N   A THR 44 ? ? 132.40 122.70 9.70   1.60 Y 
22 1 CA  A THR 47 ? ? CB A THR 47 ? ? OG1 A THR 47 ? ? 94.26  109.00 -14.74 2.10 N 
23 1 CB  A ASP 53 ? ? CA A ASP 53 ? ? C   A ASP 53 ? ? 137.11 110.40 26.71  2.00 N 
24 1 OD1 A ASP 53 ? ? CG A ASP 53 ? ? OD2 A ASP 53 ? ? 137.69 123.30 14.39  1.90 N 
25 1 CB  A ASP 53 ? ? CG A ASP 53 ? ? OD2 A ASP 53 ? ? 105.33 118.30 -12.97 0.90 N 
26 1 CA  A CYS 57 ? ? CB A CYS 57 ? ? SG  A CYS 57 ? ? 122.13 114.20 7.93   1.10 N 
27 1 CB  A ASP 60 ? ? CG A ASP 60 ? ? OD1 A ASP 60 ? ? 126.31 118.30 8.01   0.90 N 
28 1 CB  A ASP 60 ? ? CG A ASP 60 ? ? OD2 A ASP 60 ? ? 110.77 118.30 -7.53  0.90 N 
29 1 O   A ASN 61 ? ? C  A ASN 61 ? ? N   A CYS 62 ? ? 112.12 122.70 -10.58 1.60 Y 
30 1 CB  A ASN 63 ? ? CG A ASN 63 ? ? OD1 A ASN 63 ? ? 108.54 121.60 -13.06 2.00 N 
31 1 N   A THR 67 ? ? CA A THR 67 ? ? CB  A THR 67 ? ? 123.07 110.30 12.77  1.90 N 
32 1 C   A LYS 69 ? ? N  A ARG 70 ? ? CA  A ARG 70 ? ? 139.74 121.70 18.04  2.50 Y 
# 
loop_
_pdbx_validate_torsion.id 
_pdbx_validate_torsion.PDB_model_num 
_pdbx_validate_torsion.auth_comp_id 
_pdbx_validate_torsion.auth_asym_id 
_pdbx_validate_torsion.auth_seq_id 
_pdbx_validate_torsion.PDB_ins_code 
_pdbx_validate_torsion.label_alt_id 
_pdbx_validate_torsion.phi 
_pdbx_validate_torsion.psi 
1 1 ARG A 33 ? ? -107.32 -67.94 
2 1 ARG A 68 ? ? 127.21  -26.90 
3 1 LYS A 69 ? ? 105.82  25.51  
4 1 ARG A 70 ? ? -159.34 -68.67 
# 
loop_
_pdbx_struct_special_symmetry.id 
_pdbx_struct_special_symmetry.PDB_model_num 
_pdbx_struct_special_symmetry.auth_asym_id 
_pdbx_struct_special_symmetry.auth_comp_id 
_pdbx_struct_special_symmetry.auth_seq_id 
_pdbx_struct_special_symmetry.PDB_ins_code 
_pdbx_struct_special_symmetry.label_asym_id 
_pdbx_struct_special_symmetry.label_comp_id 
_pdbx_struct_special_symmetry.label_seq_id 
1 1 A HOH 73 ? B HOH . 
2 1 A HOH 88 ? B HOH . 
# 
loop_
_chem_comp_atom.comp_id 
_chem_comp_atom.atom_id 
_chem_comp_atom.type_symbol 
_chem_comp_atom.pdbx_aromatic_flag 
_chem_comp_atom.pdbx_stereo_config 
_chem_comp_atom.pdbx_ordinal 
ALA N    N N N 1   
ALA CA   C N S 2   
ALA C    C N N 3   
ALA O    O N N 4   
ALA CB   C N N 5   
ALA OXT  O N N 6   
ALA H    H N N 7   
ALA H2   H N N 8   
ALA HA   H N N 9   
ALA HB1  H N N 10  
ALA HB2  H N N 11  
ALA HB3  H N N 12  
ALA HXT  H N N 13  
ARG N    N N N 14  
ARG CA   C N S 15  
ARG C    C N N 16  
ARG O    O N N 17  
ARG CB   C N N 18  
ARG CG   C N N 19  
ARG CD   C N N 20  
ARG NE   N N N 21  
ARG CZ   C N N 22  
ARG NH1  N N N 23  
ARG NH2  N N N 24  
ARG OXT  O N N 25  
ARG H    H N N 26  
ARG H2   H N N 27  
ARG HA   H N N 28  
ARG HB2  H N N 29  
ARG HB3  H N N 30  
ARG HG2  H N N 31  
ARG HG3  H N N 32  
ARG HD2  H N N 33  
ARG HD3  H N N 34  
ARG HE   H N N 35  
ARG HH11 H N N 36  
ARG HH12 H N N 37  
ARG HH21 H N N 38  
ARG HH22 H N N 39  
ARG HXT  H N N 40  
ASN N    N N N 41  
ASN CA   C N S 42  
ASN C    C N N 43  
ASN O    O N N 44  
ASN CB   C N N 45  
ASN CG   C N N 46  
ASN OD1  O N N 47  
ASN ND2  N N N 48  
ASN OXT  O N N 49  
ASN H    H N N 50  
ASN H2   H N N 51  
ASN HA   H N N 52  
ASN HB2  H N N 53  
ASN HB3  H N N 54  
ASN HD21 H N N 55  
ASN HD22 H N N 56  
ASN HXT  H N N 57  
ASP N    N N N 58  
ASP CA   C N S 59  
ASP C    C N N 60  
ASP O    O N N 61  
ASP CB   C N N 62  
ASP CG   C N N 63  
ASP OD1  O N N 64  
ASP OD2  O N N 65  
ASP OXT  O N N 66  
ASP H    H N N 67  
ASP H2   H N N 68  
ASP HA   H N N 69  
ASP HB2  H N N 70  
ASP HB3  H N N 71  
ASP HD2  H N N 72  
ASP HXT  H N N 73  
CYS N    N N N 74  
CYS CA   C N R 75  
CYS C    C N N 76  
CYS O    O N N 77  
CYS CB   C N N 78  
CYS SG   S N N 79  
CYS OXT  O N N 80  
CYS H    H N N 81  
CYS H2   H N N 82  
CYS HA   H N N 83  
CYS HB2  H N N 84  
CYS HB3  H N N 85  
CYS HG   H N N 86  
CYS HXT  H N N 87  
GLN N    N N N 88  
GLN CA   C N S 89  
GLN C    C N N 90  
GLN O    O N N 91  
GLN CB   C N N 92  
GLN CG   C N N 93  
GLN CD   C N N 94  
GLN OE1  O N N 95  
GLN NE2  N N N 96  
GLN OXT  O N N 97  
GLN H    H N N 98  
GLN H2   H N N 99  
GLN HA   H N N 100 
GLN HB2  H N N 101 
GLN HB3  H N N 102 
GLN HG2  H N N 103 
GLN HG3  H N N 104 
GLN HE21 H N N 105 
GLN HE22 H N N 106 
GLN HXT  H N N 107 
GLY N    N N N 108 
GLY CA   C N N 109 
GLY C    C N N 110 
GLY O    O N N 111 
GLY OXT  O N N 112 
GLY H    H N N 113 
GLY H2   H N N 114 
GLY HA2  H N N 115 
GLY HA3  H N N 116 
GLY HXT  H N N 117 
HIS N    N N N 118 
HIS CA   C N S 119 
HIS C    C N N 120 
HIS O    O N N 121 
HIS CB   C N N 122 
HIS CG   C Y N 123 
HIS ND1  N Y N 124 
HIS CD2  C Y N 125 
HIS CE1  C Y N 126 
HIS NE2  N Y N 127 
HIS OXT  O N N 128 
HIS H    H N N 129 
HIS H2   H N N 130 
HIS HA   H N N 131 
HIS HB2  H N N 132 
HIS HB3  H N N 133 
HIS HD1  H N N 134 
HIS HD2  H N N 135 
HIS HE1  H N N 136 
HIS HE2  H N N 137 
HIS HXT  H N N 138 
HOH O    O N N 139 
HOH H1   H N N 140 
HOH H2   H N N 141 
ILE N    N N N 142 
ILE CA   C N S 143 
ILE C    C N N 144 
ILE O    O N N 145 
ILE CB   C N S 146 
ILE CG1  C N N 147 
ILE CG2  C N N 148 
ILE CD1  C N N 149 
ILE OXT  O N N 150 
ILE H    H N N 151 
ILE H2   H N N 152 
ILE HA   H N N 153 
ILE HB   H N N 154 
ILE HG12 H N N 155 
ILE HG13 H N N 156 
ILE HG21 H N N 157 
ILE HG22 H N N 158 
ILE HG23 H N N 159 
ILE HD11 H N N 160 
ILE HD12 H N N 161 
ILE HD13 H N N 162 
ILE HXT  H N N 163 
LEU N    N N N 164 
LEU CA   C N S 165 
LEU C    C N N 166 
LEU O    O N N 167 
LEU CB   C N N 168 
LEU CG   C N N 169 
LEU CD1  C N N 170 
LEU CD2  C N N 171 
LEU OXT  O N N 172 
LEU H    H N N 173 
LEU H2   H N N 174 
LEU HA   H N N 175 
LEU HB2  H N N 176 
LEU HB3  H N N 177 
LEU HG   H N N 178 
LEU HD11 H N N 179 
LEU HD12 H N N 180 
LEU HD13 H N N 181 
LEU HD21 H N N 182 
LEU HD22 H N N 183 
LEU HD23 H N N 184 
LEU HXT  H N N 185 
LYS N    N N N 186 
LYS CA   C N S 187 
LYS C    C N N 188 
LYS O    O N N 189 
LYS CB   C N N 190 
LYS CG   C N N 191 
LYS CD   C N N 192 
LYS CE   C N N 193 
LYS NZ   N N N 194 
LYS OXT  O N N 195 
LYS H    H N N 196 
LYS H2   H N N 197 
LYS HA   H N N 198 
LYS HB2  H N N 199 
LYS HB3  H N N 200 
LYS HG2  H N N 201 
LYS HG3  H N N 202 
LYS HD2  H N N 203 
LYS HD3  H N N 204 
LYS HE2  H N N 205 
LYS HE3  H N N 206 
LYS HZ1  H N N 207 
LYS HZ2  H N N 208 
LYS HZ3  H N N 209 
LYS HXT  H N N 210 
PHE N    N N N 211 
PHE CA   C N S 212 
PHE C    C N N 213 
PHE O    O N N 214 
PHE CB   C N N 215 
PHE CG   C Y N 216 
PHE CD1  C Y N 217 
PHE CD2  C Y N 218 
PHE CE1  C Y N 219 
PHE CE2  C Y N 220 
PHE CZ   C Y N 221 
PHE OXT  O N N 222 
PHE H    H N N 223 
PHE H2   H N N 224 
PHE HA   H N N 225 
PHE HB2  H N N 226 
PHE HB3  H N N 227 
PHE HD1  H N N 228 
PHE HD2  H N N 229 
PHE HE1  H N N 230 
PHE HE2  H N N 231 
PHE HZ   H N N 232 
PHE HXT  H N N 233 
PRO N    N N N 234 
PRO CA   C N S 235 
PRO C    C N N 236 
PRO O    O N N 237 
PRO CB   C N N 238 
PRO CG   C N N 239 
PRO CD   C N N 240 
PRO OXT  O N N 241 
PRO H    H N N 242 
PRO HA   H N N 243 
PRO HB2  H N N 244 
PRO HB3  H N N 245 
PRO HG2  H N N 246 
PRO HG3  H N N 247 
PRO HD2  H N N 248 
PRO HD3  H N N 249 
PRO HXT  H N N 250 
SER N    N N N 251 
SER CA   C N S 252 
SER C    C N N 253 
SER O    O N N 254 
SER CB   C N N 255 
SER OG   O N N 256 
SER OXT  O N N 257 
SER H    H N N 258 
SER H2   H N N 259 
SER HA   H N N 260 
SER HB2  H N N 261 
SER HB3  H N N 262 
SER HG   H N N 263 
SER HXT  H N N 264 
THR N    N N N 265 
THR CA   C N S 266 
THR C    C N N 267 
THR O    O N N 268 
THR CB   C N R 269 
THR OG1  O N N 270 
THR CG2  C N N 271 
THR OXT  O N N 272 
THR H    H N N 273 
THR H2   H N N 274 
THR HA   H N N 275 
THR HB   H N N 276 
THR HG1  H N N 277 
THR HG21 H N N 278 
THR HG22 H N N 279 
THR HG23 H N N 280 
THR HXT  H N N 281 
TRP N    N N N 282 
TRP CA   C N S 283 
TRP C    C N N 284 
TRP O    O N N 285 
TRP CB   C N N 286 
TRP CG   C Y N 287 
TRP CD1  C Y N 288 
TRP CD2  C Y N 289 
TRP NE1  N Y N 290 
TRP CE2  C Y N 291 
TRP CE3  C Y N 292 
TRP CZ2  C Y N 293 
TRP CZ3  C Y N 294 
TRP CH2  C Y N 295 
TRP OXT  O N N 296 
TRP H    H N N 297 
TRP H2   H N N 298 
TRP HA   H N N 299 
TRP HB2  H N N 300 
TRP HB3  H N N 301 
TRP HD1  H N N 302 
TRP HE1  H N N 303 
TRP HE3  H N N 304 
TRP HZ2  H N N 305 
TRP HZ3  H N N 306 
TRP HH2  H N N 307 
TRP HXT  H N N 308 
TYR N    N N N 309 
TYR CA   C N S 310 
TYR C    C N N 311 
TYR O    O N N 312 
TYR CB   C N N 313 
TYR CG   C Y N 314 
TYR CD1  C Y N 315 
TYR CD2  C Y N 316 
TYR CE1  C Y N 317 
TYR CE2  C Y N 318 
TYR CZ   C Y N 319 
TYR OH   O N N 320 
TYR OXT  O N N 321 
TYR H    H N N 322 
TYR H2   H N N 323 
TYR HA   H N N 324 
TYR HB2  H N N 325 
TYR HB3  H N N 326 
TYR HD1  H N N 327 
TYR HD2  H N N 328 
TYR HE1  H N N 329 
TYR HE2  H N N 330 
TYR HH   H N N 331 
TYR HXT  H N N 332 
VAL N    N N N 333 
VAL CA   C N S 334 
VAL C    C N N 335 
VAL O    O N N 336 
VAL CB   C N N 337 
VAL CG1  C N N 338 
VAL CG2  C N N 339 
VAL OXT  O N N 340 
VAL H    H N N 341 
VAL H2   H N N 342 
VAL HA   H N N 343 
VAL HB   H N N 344 
VAL HG11 H N N 345 
VAL HG12 H N N 346 
VAL HG13 H N N 347 
VAL HG21 H N N 348 
VAL HG22 H N N 349 
VAL HG23 H N N 350 
VAL HXT  H N N 351 
# 
loop_
_chem_comp_bond.comp_id 
_chem_comp_bond.atom_id_1 
_chem_comp_bond.atom_id_2 
_chem_comp_bond.value_order 
_chem_comp_bond.pdbx_aromatic_flag 
_chem_comp_bond.pdbx_stereo_config 
_chem_comp_bond.pdbx_ordinal 
ALA N   CA   sing N N 1   
ALA N   H    sing N N 2   
ALA N   H2   sing N N 3   
ALA CA  C    sing N N 4   
ALA CA  CB   sing N N 5   
ALA CA  HA   sing N N 6   
ALA C   O    doub N N 7   
ALA C   OXT  sing N N 8   
ALA CB  HB1  sing N N 9   
ALA CB  HB2  sing N N 10  
ALA CB  HB3  sing N N 11  
ALA OXT HXT  sing N N 12  
ARG N   CA   sing N N 13  
ARG N   H    sing N N 14  
ARG N   H2   sing N N 15  
ARG CA  C    sing N N 16  
ARG CA  CB   sing N N 17  
ARG CA  HA   sing N N 18  
ARG C   O    doub N N 19  
ARG C   OXT  sing N N 20  
ARG CB  CG   sing N N 21  
ARG CB  HB2  sing N N 22  
ARG CB  HB3  sing N N 23  
ARG CG  CD   sing N N 24  
ARG CG  HG2  sing N N 25  
ARG CG  HG3  sing N N 26  
ARG CD  NE   sing N N 27  
ARG CD  HD2  sing N N 28  
ARG CD  HD3  sing N N 29  
ARG NE  CZ   sing N N 30  
ARG NE  HE   sing N N 31  
ARG CZ  NH1  sing N N 32  
ARG CZ  NH2  doub N N 33  
ARG NH1 HH11 sing N N 34  
ARG NH1 HH12 sing N N 35  
ARG NH2 HH21 sing N N 36  
ARG NH2 HH22 sing N N 37  
ARG OXT HXT  sing N N 38  
ASN N   CA   sing N N 39  
ASN N   H    sing N N 40  
ASN N   H2   sing N N 41  
ASN CA  C    sing N N 42  
ASN CA  CB   sing N N 43  
ASN CA  HA   sing N N 44  
ASN C   O    doub N N 45  
ASN C   OXT  sing N N 46  
ASN CB  CG   sing N N 47  
ASN CB  HB2  sing N N 48  
ASN CB  HB3  sing N N 49  
ASN CG  OD1  doub N N 50  
ASN CG  ND2  sing N N 51  
ASN ND2 HD21 sing N N 52  
ASN ND2 HD22 sing N N 53  
ASN OXT HXT  sing N N 54  
ASP N   CA   sing N N 55  
ASP N   H    sing N N 56  
ASP N   H2   sing N N 57  
ASP CA  C    sing N N 58  
ASP CA  CB   sing N N 59  
ASP CA  HA   sing N N 60  
ASP C   O    doub N N 61  
ASP C   OXT  sing N N 62  
ASP CB  CG   sing N N 63  
ASP CB  HB2  sing N N 64  
ASP CB  HB3  sing N N 65  
ASP CG  OD1  doub N N 66  
ASP CG  OD2  sing N N 67  
ASP OD2 HD2  sing N N 68  
ASP OXT HXT  sing N N 69  
CYS N   CA   sing N N 70  
CYS N   H    sing N N 71  
CYS N   H2   sing N N 72  
CYS CA  C    sing N N 73  
CYS CA  CB   sing N N 74  
CYS CA  HA   sing N N 75  
CYS C   O    doub N N 76  
CYS C   OXT  sing N N 77  
CYS CB  SG   sing N N 78  
CYS CB  HB2  sing N N 79  
CYS CB  HB3  sing N N 80  
CYS SG  HG   sing N N 81  
CYS OXT HXT  sing N N 82  
GLN N   CA   sing N N 83  
GLN N   H    sing N N 84  
GLN N   H2   sing N N 85  
GLN CA  C    sing N N 86  
GLN CA  CB   sing N N 87  
GLN CA  HA   sing N N 88  
GLN C   O    doub N N 89  
GLN C   OXT  sing N N 90  
GLN CB  CG   sing N N 91  
GLN CB  HB2  sing N N 92  
GLN CB  HB3  sing N N 93  
GLN CG  CD   sing N N 94  
GLN CG  HG2  sing N N 95  
GLN CG  HG3  sing N N 96  
GLN CD  OE1  doub N N 97  
GLN CD  NE2  sing N N 98  
GLN NE2 HE21 sing N N 99  
GLN NE2 HE22 sing N N 100 
GLN OXT HXT  sing N N 101 
GLY N   CA   sing N N 102 
GLY N   H    sing N N 103 
GLY N   H2   sing N N 104 
GLY CA  C    sing N N 105 
GLY CA  HA2  sing N N 106 
GLY CA  HA3  sing N N 107 
GLY C   O    doub N N 108 
GLY C   OXT  sing N N 109 
GLY OXT HXT  sing N N 110 
HIS N   CA   sing N N 111 
HIS N   H    sing N N 112 
HIS N   H2   sing N N 113 
HIS CA  C    sing N N 114 
HIS CA  CB   sing N N 115 
HIS CA  HA   sing N N 116 
HIS C   O    doub N N 117 
HIS C   OXT  sing N N 118 
HIS CB  CG   sing N N 119 
HIS CB  HB2  sing N N 120 
HIS CB  HB3  sing N N 121 
HIS CG  ND1  sing Y N 122 
HIS CG  CD2  doub Y N 123 
HIS ND1 CE1  doub Y N 124 
HIS ND1 HD1  sing N N 125 
HIS CD2 NE2  sing Y N 126 
HIS CD2 HD2  sing N N 127 
HIS CE1 NE2  sing Y N 128 
HIS CE1 HE1  sing N N 129 
HIS NE2 HE2  sing N N 130 
HIS OXT HXT  sing N N 131 
HOH O   H1   sing N N 132 
HOH O   H2   sing N N 133 
ILE N   CA   sing N N 134 
ILE N   H    sing N N 135 
ILE N   H2   sing N N 136 
ILE CA  C    sing N N 137 
ILE CA  CB   sing N N 138 
ILE CA  HA   sing N N 139 
ILE C   O    doub N N 140 
ILE C   OXT  sing N N 141 
ILE CB  CG1  sing N N 142 
ILE CB  CG2  sing N N 143 
ILE CB  HB   sing N N 144 
ILE CG1 CD1  sing N N 145 
ILE CG1 HG12 sing N N 146 
ILE CG1 HG13 sing N N 147 
ILE CG2 HG21 sing N N 148 
ILE CG2 HG22 sing N N 149 
ILE CG2 HG23 sing N N 150 
ILE CD1 HD11 sing N N 151 
ILE CD1 HD12 sing N N 152 
ILE CD1 HD13 sing N N 153 
ILE OXT HXT  sing N N 154 
LEU N   CA   sing N N 155 
LEU N   H    sing N N 156 
LEU N   H2   sing N N 157 
LEU CA  C    sing N N 158 
LEU CA  CB   sing N N 159 
LEU CA  HA   sing N N 160 
LEU C   O    doub N N 161 
LEU C   OXT  sing N N 162 
LEU CB  CG   sing N N 163 
LEU CB  HB2  sing N N 164 
LEU CB  HB3  sing N N 165 
LEU CG  CD1  sing N N 166 
LEU CG  CD2  sing N N 167 
LEU CG  HG   sing N N 168 
LEU CD1 HD11 sing N N 169 
LEU CD1 HD12 sing N N 170 
LEU CD1 HD13 sing N N 171 
LEU CD2 HD21 sing N N 172 
LEU CD2 HD22 sing N N 173 
LEU CD2 HD23 sing N N 174 
LEU OXT HXT  sing N N 175 
LYS N   CA   sing N N 176 
LYS N   H    sing N N 177 
LYS N   H2   sing N N 178 
LYS CA  C    sing N N 179 
LYS CA  CB   sing N N 180 
LYS CA  HA   sing N N 181 
LYS C   O    doub N N 182 
LYS C   OXT  sing N N 183 
LYS CB  CG   sing N N 184 
LYS CB  HB2  sing N N 185 
LYS CB  HB3  sing N N 186 
LYS CG  CD   sing N N 187 
LYS CG  HG2  sing N N 188 
LYS CG  HG3  sing N N 189 
LYS CD  CE   sing N N 190 
LYS CD  HD2  sing N N 191 
LYS CD  HD3  sing N N 192 
LYS CE  NZ   sing N N 193 
LYS CE  HE2  sing N N 194 
LYS CE  HE3  sing N N 195 
LYS NZ  HZ1  sing N N 196 
LYS NZ  HZ2  sing N N 197 
LYS NZ  HZ3  sing N N 198 
LYS OXT HXT  sing N N 199 
PHE N   CA   sing N N 200 
PHE N   H    sing N N 201 
PHE N   H2   sing N N 202 
PHE CA  C    sing N N 203 
PHE CA  CB   sing N N 204 
PHE CA  HA   sing N N 205 
PHE C   O    doub N N 206 
PHE C   OXT  sing N N 207 
PHE CB  CG   sing N N 208 
PHE CB  HB2  sing N N 209 
PHE CB  HB3  sing N N 210 
PHE CG  CD1  doub Y N 211 
PHE CG  CD2  sing Y N 212 
PHE CD1 CE1  sing Y N 213 
PHE CD1 HD1  sing N N 214 
PHE CD2 CE2  doub Y N 215 
PHE CD2 HD2  sing N N 216 
PHE CE1 CZ   doub Y N 217 
PHE CE1 HE1  sing N N 218 
PHE CE2 CZ   sing Y N 219 
PHE CE2 HE2  sing N N 220 
PHE CZ  HZ   sing N N 221 
PHE OXT HXT  sing N N 222 
PRO N   CA   sing N N 223 
PRO N   CD   sing N N 224 
PRO N   H    sing N N 225 
PRO CA  C    sing N N 226 
PRO CA  CB   sing N N 227 
PRO CA  HA   sing N N 228 
PRO C   O    doub N N 229 
PRO C   OXT  sing N N 230 
PRO CB  CG   sing N N 231 
PRO CB  HB2  sing N N 232 
PRO CB  HB3  sing N N 233 
PRO CG  CD   sing N N 234 
PRO CG  HG2  sing N N 235 
PRO CG  HG3  sing N N 236 
PRO CD  HD2  sing N N 237 
PRO CD  HD3  sing N N 238 
PRO OXT HXT  sing N N 239 
SER N   CA   sing N N 240 
SER N   H    sing N N 241 
SER N   H2   sing N N 242 
SER CA  C    sing N N 243 
SER CA  CB   sing N N 244 
SER CA  HA   sing N N 245 
SER C   O    doub N N 246 
SER C   OXT  sing N N 247 
SER CB  OG   sing N N 248 
SER CB  HB2  sing N N 249 
SER CB  HB3  sing N N 250 
SER OG  HG   sing N N 251 
SER OXT HXT  sing N N 252 
THR N   CA   sing N N 253 
THR N   H    sing N N 254 
THR N   H2   sing N N 255 
THR CA  C    sing N N 256 
THR CA  CB   sing N N 257 
THR CA  HA   sing N N 258 
THR C   O    doub N N 259 
THR C   OXT  sing N N 260 
THR CB  OG1  sing N N 261 
THR CB  CG2  sing N N 262 
THR CB  HB   sing N N 263 
THR OG1 HG1  sing N N 264 
THR CG2 HG21 sing N N 265 
THR CG2 HG22 sing N N 266 
THR CG2 HG23 sing N N 267 
THR OXT HXT  sing N N 268 
TRP N   CA   sing N N 269 
TRP N   H    sing N N 270 
TRP N   H2   sing N N 271 
TRP CA  C    sing N N 272 
TRP CA  CB   sing N N 273 
TRP CA  HA   sing N N 274 
TRP C   O    doub N N 275 
TRP C   OXT  sing N N 276 
TRP CB  CG   sing N N 277 
TRP CB  HB2  sing N N 278 
TRP CB  HB3  sing N N 279 
TRP CG  CD1  doub Y N 280 
TRP CG  CD2  sing Y N 281 
TRP CD1 NE1  sing Y N 282 
TRP CD1 HD1  sing N N 283 
TRP CD2 CE2  doub Y N 284 
TRP CD2 CE3  sing Y N 285 
TRP NE1 CE2  sing Y N 286 
TRP NE1 HE1  sing N N 287 
TRP CE2 CZ2  sing Y N 288 
TRP CE3 CZ3  doub Y N 289 
TRP CE3 HE3  sing N N 290 
TRP CZ2 CH2  doub Y N 291 
TRP CZ2 HZ2  sing N N 292 
TRP CZ3 CH2  sing Y N 293 
TRP CZ3 HZ3  sing N N 294 
TRP CH2 HH2  sing N N 295 
TRP OXT HXT  sing N N 296 
TYR N   CA   sing N N 297 
TYR N   H    sing N N 298 
TYR N   H2   sing N N 299 
TYR CA  C    sing N N 300 
TYR CA  CB   sing N N 301 
TYR CA  HA   sing N N 302 
TYR C   O    doub N N 303 
TYR C   OXT  sing N N 304 
TYR CB  CG   sing N N 305 
TYR CB  HB2  sing N N 306 
TYR CB  HB3  sing N N 307 
TYR CG  CD1  doub Y N 308 
TYR CG  CD2  sing Y N 309 
TYR CD1 CE1  sing Y N 310 
TYR CD1 HD1  sing N N 311 
TYR CD2 CE2  doub Y N 312 
TYR CD2 HD2  sing N N 313 
TYR CE1 CZ   doub Y N 314 
TYR CE1 HE1  sing N N 315 
TYR CE2 CZ   sing Y N 316 
TYR CE2 HE2  sing N N 317 
TYR CZ  OH   sing N N 318 
TYR OH  HH   sing N N 319 
TYR OXT HXT  sing N N 320 
VAL N   CA   sing N N 321 
VAL N   H    sing N N 322 
VAL N   H2   sing N N 323 
VAL CA  C    sing N N 324 
VAL CA  CB   sing N N 325 
VAL CA  HA   sing N N 326 
VAL C   O    doub N N 327 
VAL C   OXT  sing N N 328 
VAL CB  CG1  sing N N 329 
VAL CB  CG2  sing N N 330 
VAL CB  HB   sing N N 331 
VAL CG1 HG11 sing N N 332 
VAL CG1 HG12 sing N N 333 
VAL CG1 HG13 sing N N 334 
VAL CG2 HG21 sing N N 335 
VAL CG2 HG22 sing N N 336 
VAL CG2 HG23 sing N N 337 
VAL OXT HXT  sing N N 338 
# 
_atom_sites.entry_id                    2CTX 
_atom_sites.fract_transf_matrix[1][1]   0.00250963 
_atom_sites.fract_transf_matrix[1][2]   -0.00868356 
_atom_sites.fract_transf_matrix[1][3]   0.01206108 
_atom_sites.fract_transf_matrix[2][1]   0.01391689 
_atom_sites.fract_transf_matrix[2][2]   -0.00119346 
_atom_sites.fract_transf_matrix[2][3]   0.00566225 
_atom_sites.fract_transf_matrix[3][1]   -0.00413363 
_atom_sites.fract_transf_matrix[3][2]   0.01826358 
_atom_sites.fract_transf_matrix[3][3]   0.01400927 
_atom_sites.fract_transf_vector[1]      0.603251 
_atom_sites.fract_transf_vector[2]      0.665638 
_atom_sites.fract_transf_vector[3]      0.158421 
# 
loop_
_atom_sites_footnote.id 
_atom_sites_footnote.text 
1 'RESIDUE 7 IS A CIS PROLINE.'                                                                      
2 'THE SIDE CHAINS OF RESIDUES ILE 9, ALA 28, ARG 68, LYS 69, ARG 70, AND PRO 71 ARE HIGHLY MOBILE.' 
# 
loop_
_atom_type.symbol 
C 
N 
O 
S 
# 
loop_
_atom_site.group_PDB 
_atom_site.id 
_atom_site.type_symbol 
_atom_site.label_atom_id 
_atom_site.label_alt_id 
_atom_site.label_comp_id 
_atom_site.label_asym_id 
_atom_site.label_entity_id 
_atom_site.label_seq_id 
_atom_site.pdbx_PDB_ins_code 
_atom_site.Cartn_x 
_atom_site.Cartn_y 
_atom_site.Cartn_z 
_atom_site.occupancy 
_atom_site.B_iso_or_equiv 
_atom_site.pdbx_formal_charge 
_atom_site.auth_seq_id 
_atom_site.auth_comp_id 
_atom_site.auth_asym_id 
_atom_site.auth_atom_id 
_atom_site.pdbx_PDB_model_num 
ATOM   1   N N   . ILE A 1 1  ? 4.646   12.044  -7.998  1.00 10.24 ? 1   ILE A N   1 
ATOM   2   C CA  . ILE A 1 1  ? 4.936   11.535  -6.618  1.00 6.98  ? 1   ILE A CA  1 
ATOM   3   C C   . ILE A 1 1  ? 5.592   10.181  -6.851  1.00 5.35  ? 1   ILE A C   1 
ATOM   4   O O   . ILE A 1 1  ? 5.428   9.561   -7.870  1.00 3.55  ? 1   ILE A O   1 
ATOM   5   C CB  . ILE A 1 1  ? 3.637   11.349  -5.815  1.00 8.44  ? 1   ILE A CB  1 
ATOM   6   C CG1 . ILE A 1 1  ? 3.807   11.717  -4.349  1.00 6.62  ? 1   ILE A CG1 1 
ATOM   7   C CG2 . ILE A 1 1  ? 2.983   10.030  -6.189  1.00 5.84  ? 1   ILE A CG2 1 
ATOM   8   C CD1 . ILE A 1 1  ? 2.523   11.616  -3.540  1.00 8.59  ? 1   ILE A CD1 1 
ATOM   9   N N   . ARG A 1 2  ? 6.339   9.857   -5.852  1.00 5.88  ? 2   ARG A N   1 
ATOM   10  C CA  . ARG A 1 2  ? 7.105   8.657   -5.750  1.00 6.49  ? 2   ARG A CA  1 
ATOM   11  C C   . ARG A 1 2  ? 6.577   7.999   -4.453  1.00 9.63  ? 2   ARG A C   1 
ATOM   12  O O   . ARG A 1 2  ? 6.592   8.427   -3.299  1.00 9.88  ? 2   ARG A O   1 
ATOM   13  C CB  . ARG A 1 2  ? 8.584   8.973   -5.461  1.00 9.29  ? 2   ARG A CB  1 
ATOM   14  C CG  . ARG A 1 2  ? 9.174   10.053  -6.327  1.00 13.67 ? 2   ARG A CG  1 
ATOM   15  C CD  . ARG A 1 2  ? 10.638  10.230  -6.169  1.00 17.63 ? 2   ARG A CD  1 
ATOM   16  N NE  . ARG A 1 2  ? 11.403  9.303   -6.909  1.00 19.94 ? 2   ARG A NE  1 
ATOM   17  C CZ  . ARG A 1 2  ? 12.062  8.704   -7.857  1.00 20.06 ? 2   ARG A CZ  1 
ATOM   18  N NH1 . ARG A 1 2  ? 12.122  9.352   -9.032  1.00 19.17 ? 2   ARG A NH1 1 
ATOM   19  N NH2 . ARG A 1 2  ? 12.588  7.521   -7.495  1.00 19.06 ? 2   ARG A NH2 1 
ATOM   20  N N   . CYS A 1 3  ? 6.241   6.809   -4.865  1.00 9.75  ? 3   CYS A N   1 
ATOM   21  C CA  . CYS A 1 3  ? 5.618   5.787   -4.060  1.00 9.96  ? 3   CYS A CA  1 
ATOM   22  C C   . CYS A 1 3  ? 6.441   4.528   -4.242  1.00 9.16  ? 3   CYS A C   1 
ATOM   23  O O   . CYS A 1 3  ? 7.109   4.554   -5.297  1.00 6.13  ? 3   CYS A O   1 
ATOM   24  C CB  . CYS A 1 3  ? 4.193   5.631   -4.656  1.00 9.00  ? 3   CYS A CB  1 
ATOM   25  S SG  . CYS A 1 3  ? 3.208   7.128   -4.526  1.00 9.00  ? 3   CYS A SG  1 
ATOM   26  N N   . PHE A 1 4  ? 6.329   3.600   -3.343  1.00 9.00  ? 4   PHE A N   1 
ATOM   27  C CA  . PHE A 1 4  ? 6.915   2.258   -3.449  1.00 9.08  ? 4   PHE A CA  1 
ATOM   28  C C   . PHE A 1 4  ? 5.890   1.443   -4.255  1.00 7.25  ? 4   PHE A C   1 
ATOM   29  O O   . PHE A 1 4  ? 4.616   1.620   -4.200  1.00 10.68 ? 4   PHE A O   1 
ATOM   30  C CB  . PHE A 1 4  ? 7.188   1.733   -2.061  1.00 9.02  ? 4   PHE A CB  1 
ATOM   31  C CG  . PHE A 1 4  ? 8.302   2.545   -1.446  1.00 9.00  ? 4   PHE A CG  1 
ATOM   32  C CD1 . PHE A 1 4  ? 9.542   2.471   -2.038  1.00 9.00  ? 4   PHE A CD1 1 
ATOM   33  C CD2 . PHE A 1 4  ? 8.201   3.290   -0.301  1.00 9.00  ? 4   PHE A CD2 1 
ATOM   34  C CE1 . PHE A 1 4  ? 10.673  3.112   -1.611  1.00 9.00  ? 4   PHE A CE1 1 
ATOM   35  C CE2 . PHE A 1 4  ? 9.309   3.955   0.189   1.00 9.10  ? 4   PHE A CE2 1 
ATOM   36  C CZ  . PHE A 1 4  ? 10.569  3.868   -0.445  1.00 9.00  ? 4   PHE A CZ  1 
ATOM   37  N N   . ILE A 1 5  ? 6.264   0.596   -5.202  1.00 8.92  ? 5   ILE A N   1 
ATOM   38  C CA  . ILE A 1 5  ? 5.122   -0.082  -5.902  1.00 8.78  ? 5   ILE A CA  1 
ATOM   39  C C   . ILE A 1 5  ? 5.427   -1.552  -5.730  1.00 10.48 ? 5   ILE A C   1 
ATOM   40  O O   . ILE A 1 5  ? 6.610   -1.929  -5.762  1.00 9.75  ? 5   ILE A O   1 
ATOM   41  C CB  . ILE A 1 5  ? 5.021   0.375   -7.332  1.00 8.73  ? 5   ILE A CB  1 
ATOM   42  C CG1 . ILE A 1 5  ? 4.913   1.891   -7.425  1.00 8.66  ? 5   ILE A CG1 1 
ATOM   43  C CG2 . ILE A 1 5  ? 3.800   -0.225  -8.012  1.00 8.39  ? 5   ILE A CG2 1 
ATOM   44  C CD1 . ILE A 1 5  ? 4.568   2.487   -8.809  1.00 8.67  ? 5   ILE A CD1 1 
ATOM   45  N N   . THR A 1 6  ? 4.417   -2.340  -5.477  1.00 13.63 ? 6   THR A N   1 
ATOM   46  C CA  . THR A 1 6  ? 4.639   -3.819  -5.313  1.00 17.33 ? 6   THR A CA  1 
ATOM   47  C C   . THR A 1 6  ? 4.639   -4.388  -6.740  1.00 19.31 ? 6   THR A C   1 
ATOM   48  O O   . THR A 1 6  ? 3.885   -4.016  -7.662  1.00 18.00 ? 6   THR A O   1 
ATOM   49  C CB  . THR A 1 6  ? 3.633   -4.270  -4.262  1.00 17.87 ? 6   THR A CB  1 
ATOM   50  O OG1 . THR A 1 6  ? 4.449   -4.910  -3.286  1.00 20.10 ? 6   THR A OG1 1 
ATOM   51  C CG2 . THR A 1 6  ? 2.570   -5.204  -4.780  1.00 18.61 ? 6   THR A CG2 1 
ATOM   52  N N   . PRO A 1 7  ? 5.501   -5.327  -7.069  1.00 20.97 ? 7   PRO A N   1 
ATOM   53  C CA  . PRO A 1 7  ? 6.460   -5.989  -6.209  1.00 23.46 ? 7   PRO A CA  1 
ATOM   54  C C   . PRO A 1 7  ? 7.832   -5.380  -6.054  1.00 26.85 ? 7   PRO A C   1 
ATOM   55  O O   . PRO A 1 7  ? 8.600   -5.765  -5.116  1.00 27.81 ? 7   PRO A O   1 
ATOM   56  C CB  . PRO A 1 7  ? 6.428   -7.364  -6.905  1.00 21.75 ? 7   PRO A CB  1 
ATOM   57  C CG  . PRO A 1 7  ? 6.724   -6.890  -8.318  1.00 22.38 ? 7   PRO A CG  1 
ATOM   58  C CD  . PRO A 1 7  ? 5.577   -5.865  -8.470  1.00 21.80 ? 7   PRO A CD  1 
ATOM   59  N N   . ASP A 1 8  ? 8.146   -4.400  -6.895  1.00 28.62 ? 8   ASP A N   1 
ATOM   60  C CA  . ASP A 1 8  ? 9.498   -3.750  -6.808  1.00 30.48 ? 8   ASP A CA  1 
ATOM   61  C C   . ASP A 1 8  ? 9.849   -3.210  -5.450  1.00 29.35 ? 8   ASP A C   1 
ATOM   62  O O   . ASP A 1 8  ? 8.993   -3.085  -4.540  1.00 31.46 ? 8   ASP A O   1 
ATOM   63  C CB  . ASP A 1 8  ? 9.651   -2.870  -8.056  1.00 33.04 ? 8   ASP A CB  1 
ATOM   64  C CG  . ASP A 1 8  ? 9.511   -3.876  -9.212  1.00 35.61 ? 8   ASP A CG  1 
ATOM   65  O OD1 . ASP A 1 8  ? 10.115  -4.950  -9.122  1.00 37.21 ? 8   ASP A OD1 1 
ATOM   66  O OD2 . ASP A 1 8  ? 8.734   -3.467  -10.176 1.00 36.14 ? 8   ASP A OD2 1 
ATOM   67  N N   . ILE A 1 9  ? 11.124  -2.918  -5.188  1.00 27.30 ? 9   ILE A N   1 
ATOM   68  C CA  . ILE A 1 9  ? 11.550  -2.466  -3.856  1.00 24.27 ? 9   ILE A CA  1 
ATOM   69  C C   . ILE A 1 9  ? 12.191  -1.098  -3.709  1.00 22.45 ? 9   ILE A C   1 
ATOM   70  O O   . ILE A 1 9  ? 12.590  -0.565  -2.646  1.00 19.56 ? 9   ILE A O   1 
ATOM   71  N N   . THR A 1 10 ? 12.220  -0.516  -4.897  1.00 20.26 ? 10  THR A N   1 
ATOM   72  C CA  . THR A 1 10 ? 12.851  0.793   -5.103  1.00 18.42 ? 10  THR A CA  1 
ATOM   73  C C   . THR A 1 10 ? 11.734  1.754   -5.439  1.00 17.59 ? 10  THR A C   1 
ATOM   74  O O   . THR A 1 10 ? 10.770  1.311   -6.091  1.00 16.77 ? 10  THR A O   1 
ATOM   75  C CB  . THR A 1 10 ? 13.833  0.424   -6.234  1.00 18.29 ? 10  THR A CB  1 
ATOM   76  O OG1 . THR A 1 10 ? 14.823  1.408   -6.245  1.00 19.30 ? 10  THR A OG1 1 
ATOM   77  C CG2 . THR A 1 10 ? 13.664  0.170   -7.628  1.00 17.56 ? 10  THR A CG2 1 
ATOM   78  N N   . SER A 1 11 ? 11.866  2.998   -5.013  1.00 16.03 ? 11  SER A N   1 
ATOM   79  C CA  . SER A 1 11 ? 10.814  3.972   -5.311  1.00 16.47 ? 11  SER A CA  1 
ATOM   80  C C   . SER A 1 11 ? 10.642  4.352   -6.781  1.00 15.99 ? 11  SER A C   1 
ATOM   81  O O   . SER A 1 11 ? 11.563  4.761   -7.495  1.00 17.20 ? 11  SER A O   1 
ATOM   82  C CB  . SER A 1 11 ? 10.887  5.146   -4.351  1.00 15.73 ? 11  SER A CB  1 
ATOM   83  O OG  . SER A 1 11 ? 11.591  6.213   -4.904  1.00 16.57 ? 11  SER A OG  1 
ATOM   84  N N   . LYS A 1 12 ? 9.396   4.292   -7.257  1.00 15.32 ? 12  LYS A N   1 
ATOM   85  C CA  . LYS A 1 12 ? 8.967   4.589   -8.611  1.00 13.24 ? 12  LYS A CA  1 
ATOM   86  C C   . LYS A 1 12 ? 8.355   5.943   -8.694  1.00 13.20 ? 12  LYS A C   1 
ATOM   87  O O   . LYS A 1 12 ? 7.710   6.440   -7.759  1.00 12.30 ? 12  LYS A O   1 
ATOM   88  C CB  . LYS A 1 12 ? 7.896   3.541   -8.896  1.00 14.03 ? 12  LYS A CB  1 
ATOM   89  C CG  . LYS A 1 12 ? 8.646   2.206   -8.585  1.00 14.65 ? 12  LYS A CG  1 
ATOM   90  C CD  . LYS A 1 12 ? 9.386   1.897   -9.895  1.00 17.50 ? 12  LYS A CD  1 
ATOM   91  C CE  . LYS A 1 12 ? 10.386  0.773   -9.785  1.00 18.47 ? 12  LYS A CE  1 
ATOM   92  N NZ  . LYS A 1 12 ? 11.133  0.914   -8.501  1.00 19.98 ? 12  LYS A NZ  1 
ATOM   93  N N   . ASP A 1 13 ? 8.573   6.480   -9.893  1.00 14.66 ? 13  ASP A N   1 
ATOM   94  C CA  . ASP A 1 13 ? 8.043   7.829   -10.167 1.00 15.35 ? 13  ASP A CA  1 
ATOM   95  C C   . ASP A 1 13 ? 6.645   7.640   -10.741 1.00 14.81 ? 13  ASP A C   1 
ATOM   96  O O   . ASP A 1 13 ? 6.543   6.774   -11.613 1.00 17.63 ? 13  ASP A O   1 
ATOM   97  C CB  . ASP A 1 13 ? 8.791   8.677   -11.198 1.00 16.67 ? 13  ASP A CB  1 
ATOM   98  C CG  . ASP A 1 13 ? 8.758   10.131  -10.795 1.00 17.55 ? 13  ASP A CG  1 
ATOM   99  O OD1 . ASP A 1 13 ? 9.561   10.470  -9.924  1.00 21.64 ? 13  ASP A OD1 1 
ATOM   100 O OD2 . ASP A 1 13 ? 7.953   10.985  -11.316 1.00 15.97 ? 13  ASP A OD2 1 
ATOM   101 N N   . CYS A 1 14 ? 5.704   8.406   -10.280 1.00 13.24 ? 14  CYS A N   1 
ATOM   102 C CA  . CYS A 1 14 ? 4.362   8.267   -10.880 1.00 13.34 ? 14  CYS A CA  1 
ATOM   103 C C   . CYS A 1 14 ? 3.944   9.716   -11.198 1.00 13.97 ? 14  CYS A C   1 
ATOM   104 O O   . CYS A 1 14 ? 3.358   10.212  -10.214 1.00 14.13 ? 14  CYS A O   1 
ATOM   105 C CB  . CYS A 1 14 ? 3.393   7.700   -9.869  1.00 13.00 ? 14  CYS A CB  1 
ATOM   106 S SG  . CYS A 1 14 ? 3.655   6.044   -9.209  1.00 14.56 ? 14  CYS A SG  1 
ATOM   107 N N   . PRO A 1 15 ? 4.178   10.316  -12.345 1.00 14.73 ? 15  PRO A N   1 
ATOM   108 C CA  . PRO A 1 15 ? 3.815   11.695  -12.748 1.00 14.59 ? 15  PRO A CA  1 
ATOM   109 C C   . PRO A 1 15 ? 2.323   12.006  -12.700 1.00 15.29 ? 15  PRO A C   1 
ATOM   110 O O   . PRO A 1 15 ? 2.013   13.161  -12.301 1.00 14.76 ? 15  PRO A O   1 
ATOM   111 C CB  . PRO A 1 15 ? 4.445   11.863  -14.134 1.00 15.38 ? 15  PRO A CB  1 
ATOM   112 C CG  . PRO A 1 15 ? 4.402   10.453  -14.741 1.00 14.14 ? 15  PRO A CG  1 
ATOM   113 C CD  . PRO A 1 15 ? 4.894   9.665   -13.515 1.00 14.40 ? 15  PRO A CD  1 
ATOM   114 N N   . ASN A 1 16 ? 1.480   11.005  -12.956 1.00 14.32 ? 16  ASN A N   1 
ATOM   115 C CA  . ASN A 1 16 ? 0.035   11.262  -12.874 1.00 15.31 ? 16  ASN A CA  1 
ATOM   116 C C   . ASN A 1 16 ? -0.725  10.834  -11.635 1.00 16.01 ? 16  ASN A C   1 
ATOM   117 O O   . ASN A 1 16 ? -1.969  10.885  -11.754 1.00 16.52 ? 16  ASN A O   1 
ATOM   118 C CB  . ASN A 1 16 ? -0.509  10.585  -14.136 1.00 17.40 ? 16  ASN A CB  1 
ATOM   119 C CG  . ASN A 1 16 ? 0.033   11.536  -15.192 1.00 18.45 ? 16  ASN A CG  1 
ATOM   120 O OD1 . ASN A 1 16 ? -0.758  12.457  -15.378 1.00 19.97 ? 16  ASN A OD1 1 
ATOM   121 N ND2 . ASN A 1 16 ? 1.224   11.402  -15.723 1.00 20.62 ? 16  ASN A ND2 1 
ATOM   122 N N   . GLY A 1 17 ? -0.104  10.449  -10.537 1.00 15.22 ? 17  GLY A N   1 
ATOM   123 C CA  . GLY A 1 17 ? -0.884  10.037  -9.353  1.00 15.36 ? 17  GLY A CA  1 
ATOM   124 C C   . GLY A 1 17 ? -0.626  11.085  -8.259  1.00 15.13 ? 17  GLY A C   1 
ATOM   125 O O   . GLY A 1 17 ? 0.345   11.844  -8.415  1.00 14.32 ? 17  GLY A O   1 
ATOM   126 N N   . HIS A 1 18 ? -1.453  11.070  -7.211  1.00 14.20 ? 18  HIS A N   1 
ATOM   127 C CA  . HIS A 1 18 ? -1.293  12.088  -6.158  1.00 13.18 ? 18  HIS A CA  1 
ATOM   128 C C   . HIS A 1 18 ? -1.144  11.584  -4.746  1.00 9.71  ? 18  HIS A C   1 
ATOM   129 O O   . HIS A 1 18 ? -0.727  12.362  -3.885  1.00 8.44  ? 18  HIS A O   1 
ATOM   130 C CB  . HIS A 1 18 ? -2.419  13.115  -6.299  1.00 17.45 ? 18  HIS A CB  1 
ATOM   131 C CG  . HIS A 1 18 ? -2.658  13.644  -7.690  1.00 20.39 ? 18  HIS A CG  1 
ATOM   132 N ND1 . HIS A 1 18 ? -1.803  14.415  -8.459  1.00 21.80 ? 18  HIS A ND1 1 
ATOM   133 C CD2 . HIS A 1 18 ? -3.790  13.449  -8.436  1.00 22.08 ? 18  HIS A CD2 1 
ATOM   134 C CE1 . HIS A 1 18 ? -2.348  14.624  -9.620  1.00 21.86 ? 18  HIS A CE1 1 
ATOM   135 N NE2 . HIS A 1 18 ? -3.586  14.072  -9.662  1.00 23.20 ? 18  HIS A NE2 1 
ATOM   136 N N   . VAL A 1 19 ? -1.419  10.312  -4.552  1.00 7.61  ? 19  VAL A N   1 
ATOM   137 C CA  . VAL A 1 19 ? -1.313  9.608   -3.272  1.00 9.45  ? 19  VAL A CA  1 
ATOM   138 C C   . VAL A 1 19 ? -0.478  8.342   -3.412  1.00 9.31  ? 19  VAL A C   1 
ATOM   139 O O   . VAL A 1 19 ? -0.410  7.749   -4.504  1.00 9.07  ? 19  VAL A O   1 
ATOM   140 C CB  . VAL A 1 19 ? -2.690  9.187   -2.701  1.00 9.52  ? 19  VAL A CB  1 
ATOM   141 C CG1 . VAL A 1 19 ? -3.646  10.367  -2.530  1.00 9.10  ? 19  VAL A CG1 1 
ATOM   142 C CG2 . VAL A 1 19 ? -3.424  8.065   -3.387  1.00 9.00  ? 19  VAL A CG2 1 
ATOM   143 N N   . CYS A 1 20 ? 0.047   7.949   -2.269  1.00 9.54  ? 20  CYS A N   1 
ATOM   144 C CA  . CYS A 1 20 ? 0.821   6.660   -2.178  1.00 9.11  ? 20  CYS A CA  1 
ATOM   145 C C   . CYS A 1 20 ? -0.204  5.793   -1.426  1.00 9.00  ? 20  CYS A C   1 
ATOM   146 O O   . CYS A 1 20 ? -0.976  6.396   -0.659  1.00 9.00  ? 20  CYS A O   1 
ATOM   147 C CB  . CYS A 1 20 ? 2.228   6.638   -1.595  1.00 9.12  ? 20  CYS A CB  1 
ATOM   148 S SG  . CYS A 1 20 ? 3.487   7.548   -2.532  1.00 9.74  ? 20  CYS A SG  1 
ATOM   149 N N   . TYR A 1 21 ? -0.392  4.529   -1.667  1.00 9.00  ? 21  TYR A N   1 
ATOM   150 C CA  . TYR A 1 21 ? -1.362  3.663   -0.971  1.00 9.00  ? 21  TYR A CA  1 
ATOM   151 C C   . TYR A 1 21 ? -0.734  2.305   -0.634  1.00 9.00  ? 21  TYR A C   1 
ATOM   152 O O   . TYR A 1 21 ? 0.209   1.730   -1.252  1.00 9.00  ? 21  TYR A O   1 
ATOM   153 C CB  . TYR A 1 21 ? -2.722  3.711   -1.756  1.00 9.00  ? 21  TYR A CB  1 
ATOM   154 C CG  . TYR A 1 21 ? -2.682  2.741   -2.902  1.00 9.00  ? 21  TYR A CG  1 
ATOM   155 C CD1 . TYR A 1 21 ? -2.536  1.384   -2.639  1.00 9.00  ? 21  TYR A CD1 1 
ATOM   156 C CD2 . TYR A 1 21 ? -2.730  3.207   -4.224  1.00 9.00  ? 21  TYR A CD2 1 
ATOM   157 C CE1 . TYR A 1 21 ? -2.449  0.452   -3.662  1.00 9.00  ? 21  TYR A CE1 1 
ATOM   158 C CE2 . TYR A 1 21 ? -2.678  2.299   -5.300  1.00 9.05  ? 21  TYR A CE2 1 
ATOM   159 C CZ  . TYR A 1 21 ? -2.510  0.939   -4.985  1.00 9.35  ? 21  TYR A CZ  1 
ATOM   160 O OH  . TYR A 1 21 ? -2.427  -0.022  -5.993  1.00 9.94  ? 21  TYR A OH  1 
ATOM   161 N N   . THR A 1 22 ? -1.238  1.761   0.462   1.00 9.00  ? 22  THR A N   1 
ATOM   162 C CA  . THR A 1 22 ? -0.972  0.485   1.087   1.00 9.62  ? 22  THR A CA  1 
ATOM   163 C C   . THR A 1 22 ? -2.387  -0.136  1.229   1.00 5.12  ? 22  THR A C   1 
ATOM   164 O O   . THR A 1 22 ? -3.299  0.574   1.680   1.00 7.46  ? 22  THR A O   1 
ATOM   165 C CB  . THR A 1 22 ? -0.353  0.485   2.489   1.00 9.51  ? 22  THR A CB  1 
ATOM   166 O OG1 . THR A 1 22 ? 0.732   1.410   2.484   1.00 9.63  ? 22  THR A OG1 1 
ATOM   167 C CG2 . THR A 1 22 ? 0.018   -0.909  2.991   1.00 9.00  ? 22  THR A CG2 1 
ATOM   168 N N   . LYS A 1 23 ? -2.557  -1.385  0.854   1.00 5.07  ? 23  LYS A N   1 
ATOM   169 C CA  . LYS A 1 23 ? -3.847  -2.084  0.906   1.00 9.98  ? 23  LYS A CA  1 
ATOM   170 C C   . LYS A 1 23 ? -3.520  -3.371  1.690   1.00 9.08  ? 23  LYS A C   1 
ATOM   171 O O   . LYS A 1 23 ? -2.657  -3.979  1.063   1.00 9.14  ? 23  LYS A O   1 
ATOM   172 C CB  . LYS A 1 23 ? -4.275  -2.667  -0.425  1.00 9.81  ? 23  LYS A CB  1 
ATOM   173 C CG  . LYS A 1 23 ? -5.353  -1.901  -1.175  1.00 5.02  ? 23  LYS A CG  1 
ATOM   174 C CD  . LYS A 1 23 ? -5.401  -2.377  -2.620  1.00 4.23  ? 23  LYS A CD  1 
ATOM   175 C CE  . LYS A 1 23 ? -5.261  -1.130  -3.479  1.00 5.42  ? 23  LYS A CE  1 
ATOM   176 N NZ  . LYS A 1 23 ? -6.128  -1.425  -4.678  1.00 6.23  ? 23  LYS A NZ  1 
ATOM   177 N N   . THR A 1 24 ? -4.176  -3.682  2.773   1.00 9.00  ? 24  THR A N   1 
ATOM   178 C CA  . THR A 1 24 ? -3.826  -4.923  3.463   1.00 9.15  ? 24  THR A CA  1 
ATOM   179 C C   . THR A 1 24 ? -5.073  -5.779  3.678   1.00 4.18  ? 24  THR A C   1 
ATOM   180 O O   . THR A 1 24 ? -6.207  -5.210  3.777   1.00 5.24  ? 24  THR A O   1 
ATOM   181 C CB  . THR A 1 24 ? -3.002  -4.552  4.700   1.00 9.05  ? 24  THR A CB  1 
ATOM   182 O OG1 . THR A 1 24 ? -3.908  -3.819  5.498   1.00 9.89  ? 24  THR A OG1 1 
ATOM   183 C CG2 . THR A 1 24 ? -1.761  -3.730  4.558   1.00 9.00  ? 24  THR A CG2 1 
ATOM   184 N N   . TRP A 1 25 ? -4.888  -7.109  3.680   1.00 9.00  ? 25  TRP A N   1 
ATOM   185 C CA  . TRP A 1 25 ? -6.103  -7.944  3.874   1.00 9.00  ? 25  TRP A CA  1 
ATOM   186 C C   . TRP A 1 25 ? -5.557  -9.244  4.439   1.00 9.00  ? 25  TRP A C   1 
ATOM   187 O O   . TRP A 1 25 ? -4.310  -9.389  4.314   1.00 9.00  ? 25  TRP A O   1 
ATOM   188 C CB  . TRP A 1 25 ? -6.912  -8.116  2.601   1.00 9.00  ? 25  TRP A CB  1 
ATOM   189 C CG  . TRP A 1 25 ? -6.189  -8.985  1.632   1.00 9.00  ? 25  TRP A CG  1 
ATOM   190 C CD1 . TRP A 1 25 ? -6.311  -10.348 1.485   1.00 9.00  ? 25  TRP A CD1 1 
ATOM   191 C CD2 . TRP A 1 25 ? -5.254  -8.567  0.623   1.00 9.67  ? 25  TRP A CD2 1 
ATOM   192 N NE1 . TRP A 1 25 ? -5.545  -10.818 0.447   1.00 9.00  ? 25  TRP A NE1 1 
ATOM   193 C CE2 . TRP A 1 25 ? -4.862  -9.743  -0.083  1.00 9.87  ? 25  TRP A CE2 1 
ATOM   194 C CE3 . TRP A 1 25 ? -4.654  -7.349  0.311   1.00 9.70  ? 25  TRP A CE3 1 
ATOM   195 C CZ2 . TRP A 1 25 ? -3.894  -9.722  -1.080  1.00 9.36  ? 25  TRP A CZ2 1 
ATOM   196 C CZ3 . TRP A 1 25 ? -3.676  -7.326  -0.664  1.00 9.00  ? 25  TRP A CZ3 1 
ATOM   197 C CH2 . TRP A 1 25 ? -3.358  -8.484  -1.344  1.00 9.00  ? 25  TRP A CH2 1 
ATOM   198 N N   . CYS A 1 26 ? -6.421  -10.083 4.980   1.00 9.51  ? 26  CYS A N   1 
ATOM   199 C CA  . CYS A 1 26 ? -5.929  -11.362 5.557   1.00 3.22  ? 26  CYS A CA  1 
ATOM   200 C C   . CYS A 1 26 ? -6.371  -12.602 4.800   1.00 9.28  ? 26  CYS A C   1 
ATOM   201 O O   . CYS A 1 26 ? -7.456  -12.750 4.259   1.00 9.00  ? 26  CYS A O   1 
ATOM   202 C CB  . CYS A 1 26 ? -6.384  -11.620 6.999   1.00 6.26  ? 26  CYS A CB  1 
ATOM   203 S SG  . CYS A 1 26 ? -5.694  -10.924 8.504   1.00 6.36  ? 26  CYS A SG  1 
ATOM   204 N N   . ASP A 1 27 ? -5.492  -13.576 4.889   1.00 9.96  ? 27  ASP A N   1 
ATOM   205 C CA  . ASP A 1 27 ? -5.691  -14.940 4.333   1.00 6.23  ? 27  ASP A CA  1 
ATOM   206 C C   . ASP A 1 27 ? -5.651  -15.876 5.561   1.00 7.28  ? 27  ASP A C   1 
ATOM   207 O O   . ASP A 1 27 ? -5.460  -15.285 6.657   1.00 9.78  ? 27  ASP A O   1 
ATOM   208 C CB  . ASP A 1 27 ? -4.806  -15.310 3.205   1.00 9.79  ? 27  ASP A CB  1 
ATOM   209 C CG  . ASP A 1 27 ? -3.348  -15.620 3.438   1.00 13.19 ? 27  ASP A CG  1 
ATOM   210 O OD1 . ASP A 1 27 ? -2.835  -15.483 4.641   1.00 14.76 ? 27  ASP A OD1 1 
ATOM   211 O OD2 . ASP A 1 27 ? -2.686  -15.994 2.456   1.00 15.59 ? 27  ASP A OD2 1 
ATOM   212 N N   . ALA A 1 28 ? -5.790  -17.183 5.435   1.00 9.04  ? 28  ALA A N   1 
ATOM   213 C CA  . ALA A 1 28 ? -5.811  -18.252 6.462   1.00 8.71  ? 28  ALA A CA  1 
ATOM   214 C C   . ALA A 1 28 ? -4.561  -18.178 7.332   1.00 11.31 ? 28  ALA A C   1 
ATOM   215 O O   . ALA A 1 28 ? -4.572  -18.674 8.496   1.00 12.21 ? 28  ALA A O   1 
ATOM   216 N N   . PHE A 1 29 ? -3.554  -17.522 6.742   1.00 11.78 ? 29  PHE A N   1 
ATOM   217 C CA  . PHE A 1 29 ? -2.227  -17.356 7.354   1.00 12.20 ? 29  PHE A CA  1 
ATOM   218 C C   . PHE A 1 29 ? -2.037  -16.033 8.033   1.00 11.91 ? 29  PHE A C   1 
ATOM   219 O O   . PHE A 1 29 ? -0.966  -15.733 8.554   1.00 11.31 ? 29  PHE A O   1 
ATOM   220 C CB  . PHE A 1 29 ? -0.994  -17.752 6.493   1.00 13.35 ? 29  PHE A CB  1 
ATOM   221 C CG  . PHE A 1 29 ? -1.161  -19.231 6.218   1.00 15.26 ? 29  PHE A CG  1 
ATOM   222 C CD1 . PHE A 1 29 ? -1.036  -20.095 7.306   1.00 15.53 ? 29  PHE A CD1 1 
ATOM   223 C CD2 . PHE A 1 29 ? -1.661  -19.714 5.007   1.00 16.12 ? 29  PHE A CD2 1 
ATOM   224 C CE1 . PHE A 1 29 ? -1.270  -21.456 7.181   1.00 16.77 ? 29  PHE A CE1 1 
ATOM   225 C CE2 . PHE A 1 29 ? -1.873  -21.094 4.877   1.00 16.92 ? 29  PHE A CE2 1 
ATOM   226 C CZ  . PHE A 1 29 ? -1.674  -21.982 5.954   1.00 16.66 ? 29  PHE A CZ  1 
ATOM   227 N N   . CYS A 1 30 ? -3.074  -15.246 8.076   1.00 11.41 ? 30  CYS A N   1 
ATOM   228 C CA  . CYS A 1 30 ? -2.868  -13.997 8.772   1.00 12.71 ? 30  CYS A CA  1 
ATOM   229 C C   . CYS A 1 30 ? -2.068  -13.878 10.064  1.00 16.57 ? 30  CYS A C   1 
ATOM   230 O O   . CYS A 1 30 ? -1.236  -12.916 10.189  1.00 17.16 ? 30  CYS A O   1 
ATOM   231 C CB  . CYS A 1 30 ? -4.290  -13.405 8.984   1.00 10.11 ? 30  CYS A CB  1 
ATOM   232 S SG  . CYS A 1 30 ? -3.825  -11.742 8.507   1.00 8.70  ? 30  CYS A SG  1 
ATOM   233 N N   . SER A 1 31 ? -2.198  -14.686 11.108  1.00 18.90 ? 31  SER A N   1 
ATOM   234 C CA  . SER A 1 31 ? -1.648  -14.817 12.446  1.00 19.26 ? 31  SER A CA  1 
ATOM   235 C C   . SER A 1 31 ? -0.194  -15.239 12.539  1.00 21.66 ? 31  SER A C   1 
ATOM   236 O O   . SER A 1 31 ? 0.495   -14.644 13.361  1.00 22.45 ? 31  SER A O   1 
ATOM   237 C CB  . SER A 1 31 ? -2.464  -15.810 13.270  1.00 18.38 ? 31  SER A CB  1 
ATOM   238 O OG  . SER A 1 31 ? -3.681  -15.164 13.654  1.00 18.78 ? 31  SER A OG  1 
ATOM   239 N N   . ILE A 1 32 ? 0.161   -16.183 11.711  1.00 24.06 ? 32  ILE A N   1 
ATOM   240 C CA  . ILE A 1 32 ? 1.506   -16.731 11.603  1.00 27.86 ? 32  ILE A CA  1 
ATOM   241 C C   . ILE A 1 32 ? 2.395   -15.860 10.739  1.00 30.03 ? 32  ILE A C   1 
ATOM   242 O O   . ILE A 1 32 ? 3.625   -15.707 10.888  1.00 31.32 ? 32  ILE A O   1 
ATOM   243 C CB  . ILE A 1 32 ? 1.357   -18.154 11.050  1.00 27.72 ? 32  ILE A CB  1 
ATOM   244 C CG1 . ILE A 1 32 ? 0.176   -18.814 11.747  1.00 27.15 ? 32  ILE A CG1 1 
ATOM   245 C CG2 . ILE A 1 32 ? 2.570   -19.044 11.188  1.00 27.84 ? 32  ILE A CG2 1 
ATOM   246 C CD1 . ILE A 1 32 ? -0.131  -20.201 11.155  1.00 26.95 ? 32  ILE A CD1 1 
ATOM   247 N N   . ARG A 1 33 ? 1.871   -15.223 9.712   1.00 32.60 ? 33  ARG A N   1 
ATOM   248 C CA  . ARG A 1 33 ? 2.693   -14.371 8.829   1.00 33.71 ? 33  ARG A CA  1 
ATOM   249 C C   . ARG A 1 33 ? 2.409   -12.910 9.055   1.00 31.84 ? 33  ARG A C   1 
ATOM   250 O O   . ARG A 1 33 ? 3.299   -12.262 9.626   1.00 34.85 ? 33  ARG A O   1 
ATOM   251 C CB  . ARG A 1 33 ? 2.618   -14.820 7.373   1.00 36.70 ? 33  ARG A CB  1 
ATOM   252 C CG  . ARG A 1 33 ? 3.629   -15.992 7.312   1.00 40.83 ? 33  ARG A CG  1 
ATOM   253 C CD  . ARG A 1 33 ? 4.400   -15.838 6.028   1.00 43.56 ? 33  ARG A CD  1 
ATOM   254 N NE  . ARG A 1 33 ? 3.481   -16.154 4.932   1.00 46.17 ? 33  ARG A NE  1 
ATOM   255 C CZ  . ARG A 1 33 ? 2.584   -17.150 4.940   1.00 46.51 ? 33  ARG A CZ  1 
ATOM   256 N NH1 . ARG A 1 33 ? 2.460   -17.924 6.016   1.00 46.48 ? 33  ARG A NH1 1 
ATOM   257 N NH2 . ARG A 1 33 ? 1.875   -17.362 3.815   1.00 46.85 ? 33  ARG A NH2 1 
ATOM   258 N N   . GLY A 1 34 ? 1.252   -12.445 8.714   1.00 29.18 ? 34  GLY A N   1 
ATOM   259 C CA  . GLY A 1 34 ? 0.778   -11.060 8.856   1.00 24.76 ? 34  GLY A CA  1 
ATOM   260 C C   . GLY A 1 34 ? -0.166  -10.820 7.685   1.00 22.04 ? 34  GLY A C   1 
ATOM   261 O O   . GLY A 1 34 ? -0.438  -11.785 6.940   1.00 23.46 ? 34  GLY A O   1 
ATOM   262 N N   . LYS A 1 35 ? -0.631  -9.602  7.521   1.00 19.02 ? 35  LYS A N   1 
ATOM   263 C CA  . LYS A 1 35 ? -1.554  -9.295  6.413   1.00 15.13 ? 35  LYS A CA  1 
ATOM   264 C C   . LYS A 1 35 ? -0.822  -9.410  5.094   1.00 14.34 ? 35  LYS A C   1 
ATOM   265 O O   . LYS A 1 35 ? 0.412   -9.334  4.980   1.00 15.20 ? 35  LYS A O   1 
ATOM   266 C CB  . LYS A 1 35 ? -1.969  -7.856  6.656   1.00 15.01 ? 35  LYS A CB  1 
ATOM   267 C CG  . LYS A 1 35 ? -2.877  -7.618  7.861   1.00 14.13 ? 35  LYS A CG  1 
ATOM   268 C CD  . LYS A 1 35 ? -4.202  -7.116  7.324   1.00 15.52 ? 35  LYS A CD  1 
ATOM   269 C CE  . LYS A 1 35 ? -4.433  -5.660  7.657   1.00 18.48 ? 35  LYS A CE  1 
ATOM   270 N NZ  . LYS A 1 35 ? -5.846  -5.427  8.125   1.00 19.76 ? 35  LYS A NZ  1 
ATOM   271 N N   . ARG A 1 36 ? -1.621  -9.652  4.053   1.00 12.63 ? 36  ARG A N   1 
ATOM   272 C CA  . ARG A 1 36 ? -1.048  -9.649  2.687   1.00 9.15  ? 36  ARG A CA  1 
ATOM   273 C C   . ARG A 1 36 ? -1.047  -8.128  2.386   1.00 6.36  ? 36  ARG A C   1 
ATOM   274 O O   . ARG A 1 36 ? -1.870  -7.347  2.910   1.00 9.79  ? 36  ARG A O   1 
ATOM   275 C CB  . ARG A 1 36 ? -1.785  -10.514 1.697   1.00 13.27 ? 36  ARG A CB  1 
ATOM   276 C CG  . ARG A 1 36 ? -1.473  -11.978 1.621   1.00 17.57 ? 36  ARG A CG  1 
ATOM   277 C CD  . ARG A 1 36 ? -1.229  -12.622 0.337   1.00 22.51 ? 36  ARG A CD  1 
ATOM   278 N NE  . ARG A 1 36 ? -1.150  -11.875 -0.933  1.00 27.16 ? 36  ARG A NE  1 
ATOM   279 C CZ  . ARG A 1 36 ? -1.525  -12.590 -2.025  1.00 29.13 ? 36  ARG A CZ  1 
ATOM   280 N NH1 . ARG A 1 36 ? -1.873  -13.830 -1.619  1.00 30.98 ? 36  ARG A NH1 1 
ATOM   281 N NH2 . ARG A 1 36 ? -1.608  -12.295 -3.321  1.00 28.61 ? 36  ARG A NH2 1 
ATOM   282 N N   . VAL A 1 37 ? -0.160  -7.605  1.572   1.00 4.27  ? 37  VAL A N   1 
ATOM   283 C CA  . VAL A 1 37 ? -0.109  -6.165  1.322   1.00 5.22  ? 37  VAL A CA  1 
ATOM   284 C C   . VAL A 1 37 ? 0.171   -5.854  -0.129  1.00 6.02  ? 37  VAL A C   1 
ATOM   285 O O   . VAL A 1 37 ? 0.828   -6.625  -0.815  1.00 6.62  ? 37  VAL A O   1 
ATOM   286 C CB  . VAL A 1 37 ? 0.795   -5.441  2.323   1.00 9.68  ? 37  VAL A CB  1 
ATOM   287 C CG1 . VAL A 1 37 ? 0.858   -6.181  3.682   1.00 6.38  ? 37  VAL A CG1 1 
ATOM   288 C CG2 . VAL A 1 37 ? 2.213   -5.110  2.103   1.00 9.70  ? 37  VAL A CG2 1 
ATOM   289 N N   . ASP A 1 38 ? -0.470  -4.807  -0.628  1.00 6.33  ? 38  ASP A N   1 
ATOM   290 C CA  . ASP A 1 38 ? -0.225  -4.421  -2.016  1.00 4.54  ? 38  ASP A CA  1 
ATOM   291 C C   . ASP A 1 38 ? 0.090   -2.940  -2.001  1.00 9.54  ? 38  ASP A C   1 
ATOM   292 O O   . ASP A 1 38 ? -0.697  -2.165  -1.438  1.00 9.16  ? 38  ASP A O   1 
ATOM   293 C CB  . ASP A 1 38 ? -1.331  -4.890  -2.888  1.00 9.65  ? 38  ASP A CB  1 
ATOM   294 C CG  . ASP A 1 38 ? -1.288  -3.946  -4.081  1.00 13.18 ? 38  ASP A CG  1 
ATOM   295 O OD1 . ASP A 1 38 ? -1.588  -2.774  -3.992  1.00 16.48 ? 38  ASP A OD1 1 
ATOM   296 O OD2 . ASP A 1 38 ? -0.872  -4.485  -5.173  1.00 14.94 ? 38  ASP A OD2 1 
ATOM   297 N N   . LEU A 1 39 ? 1.255   -2.579  -2.512  1.00 9.05  ? 39  LEU A N   1 
ATOM   298 C CA  . LEU A 1 39 ? 1.737   -1.183  -2.516  1.00 9.38  ? 39  LEU A CA  1 
ATOM   299 C C   . LEU A 1 39 ? 1.598   -0.516  -3.886  1.00 9.90  ? 39  LEU A C   1 
ATOM   300 O O   . LEU A 1 39 ? 1.826   -1.126  -4.968  1.00 9.92  ? 39  LEU A O   1 
ATOM   301 C CB  . LEU A 1 39 ? 3.118   -1.109  -1.895  1.00 9.45  ? 39  LEU A CB  1 
ATOM   302 C CG  . LEU A 1 39 ? 3.749   -1.638  -0.584  1.00 9.00  ? 39  LEU A CG  1 
ATOM   303 C CD1 . LEU A 1 39 ? 5.252   -1.384  -0.519  1.00 9.00  ? 39  LEU A CD1 1 
ATOM   304 C CD2 . LEU A 1 39 ? 3.045   -1.112  0.622   1.00 9.00  ? 39  LEU A CD2 1 
ATOM   305 N N   . GLY A 1 40 ? 1.114   0.755   -3.897  1.00 9.00  ? 40  GLY A N   1 
ATOM   306 C CA  . GLY A 1 40 ? 1.014   1.400   -5.194  1.00 9.30  ? 40  GLY A CA  1 
ATOM   307 C C   . GLY A 1 40 ? 0.962   2.924   -5.151  1.00 9.31  ? 40  GLY A C   1 
ATOM   308 O O   . GLY A 1 40 ? 1.326   3.474   -4.110  1.00 9.89  ? 40  GLY A O   1 
ATOM   309 N N   . CYS A 1 41 ? 0.573   3.528   -6.248  1.00 9.51  ? 41  CYS A N   1 
ATOM   310 C CA  . CYS A 1 41 ? 0.419   4.988   -6.281  1.00 10.05 ? 41  CYS A CA  1 
ATOM   311 C C   . CYS A 1 41 ? -0.969  5.149   -6.974  1.00 10.87 ? 41  CYS A C   1 
ATOM   312 O O   . CYS A 1 41 ? -1.278  4.179   -7.698  1.00 11.19 ? 41  CYS A O   1 
ATOM   313 C CB  . CYS A 1 41 ? 1.447   5.924   -6.928  1.00 11.71 ? 41  CYS A CB  1 
ATOM   314 S SG  . CYS A 1 41 ? 1.713   5.587   -8.627  1.00 15.32 ? 41  CYS A SG  1 
ATOM   315 N N   . ALA A 1 42 ? -1.666  6.239   -6.704  1.00 10.56 ? 42  ALA A N   1 
ATOM   316 C CA  . ALA A 1 42 ? -2.996  6.442   -7.333  1.00 11.48 ? 42  ALA A CA  1 
ATOM   317 C C   . ALA A 1 42 ? -3.344  7.899   -7.582  1.00 13.37 ? 42  ALA A C   1 
ATOM   318 O O   . ALA A 1 42 ? -2.602  8.875   -7.275  1.00 13.62 ? 42  ALA A O   1 
ATOM   319 C CB  . ALA A 1 42 ? -3.982  5.558   -6.591  1.00 9.65  ? 42  ALA A CB  1 
ATOM   320 N N   . ALA A 1 43 ? -4.462  8.220   -8.272  1.00 15.29 ? 43  ALA A N   1 
ATOM   321 C CA  . ALA A 1 43 ? -4.705  9.671   -8.516  1.00 16.56 ? 43  ALA A CA  1 
ATOM   322 C C   . ALA A 1 43 ? -5.440  10.158  -7.277  1.00 18.32 ? 43  ALA A C   1 
ATOM   323 O O   . ALA A 1 43 ? -5.176  11.300  -6.859  1.00 20.88 ? 43  ALA A O   1 
ATOM   324 C CB  . ALA A 1 43 ? -5.379  10.114  -9.768  1.00 15.89 ? 43  ALA A CB  1 
ATOM   325 N N   . THR A 1 44 ? -6.147  9.168   -6.770  1.00 19.55 ? 44  THR A N   1 
ATOM   326 C CA  . THR A 1 44 ? -6.980  9.236   -5.577  1.00 19.35 ? 44  THR A CA  1 
ATOM   327 C C   . THR A 1 44 ? -6.924  8.043   -4.641  1.00 19.25 ? 44  THR A C   1 
ATOM   328 O O   . THR A 1 44 ? -6.659  6.906   -5.052  1.00 20.29 ? 44  THR A O   1 
ATOM   329 C CB  . THR A 1 44 ? -8.459  9.381   -6.054  1.00 19.59 ? 44  THR A CB  1 
ATOM   330 O OG1 . THR A 1 44 ? -8.607  8.542   -7.197  1.00 21.08 ? 44  THR A OG1 1 
ATOM   331 C CG2 . THR A 1 44 ? -8.674  10.837  -6.397  1.00 20.56 ? 44  THR A CG2 1 
ATOM   332 N N   . CYS A 1 45 ? -7.254  8.300   -3.381  1.00 18.24 ? 45  CYS A N   1 
ATOM   333 C CA  . CYS A 1 45 ? -7.299  7.210   -2.389  1.00 16.50 ? 45  CYS A CA  1 
ATOM   334 C C   . CYS A 1 45 ? -8.355  6.220   -2.872  1.00 17.18 ? 45  CYS A C   1 
ATOM   335 O O   . CYS A 1 45 ? -9.553  6.531   -2.913  1.00 17.81 ? 45  CYS A O   1 
ATOM   336 C CB  . CYS A 1 45 ? -7.631  7.793   -1.031  1.00 14.64 ? 45  CYS A CB  1 
ATOM   337 S SG  . CYS A 1 45 ? -7.290  6.547   0.183   1.00 14.82 ? 45  CYS A SG  1 
ATOM   338 N N   . PRO A 1 46 ? -7.935  5.042   -3.267  1.00 17.27 ? 46  PRO A N   1 
ATOM   339 C CA  . PRO A 1 46 ? -8.776  3.982   -3.798  1.00 17.27 ? 46  PRO A CA  1 
ATOM   340 C C   . PRO A 1 46 ? -9.811  3.399   -2.851  1.00 18.54 ? 46  PRO A C   1 
ATOM   341 O O   . PRO A 1 46 ? -9.719  3.498   -1.627  1.00 17.51 ? 46  PRO A O   1 
ATOM   342 C CB  . PRO A 1 46 ? -7.716  2.954   -4.222  1.00 17.11 ? 46  PRO A CB  1 
ATOM   343 C CG  . PRO A 1 46 ? -6.816  3.087   -3.006  1.00 16.88 ? 46  PRO A CG  1 
ATOM   344 C CD  . PRO A 1 46 ? -6.489  4.582   -3.176  1.00 16.90 ? 46  PRO A CD  1 
ATOM   345 N N   . THR A 1 47 ? -10.842 2.852   -3.458  1.00 19.82 ? 47  THR A N   1 
ATOM   346 C CA  . THR A 1 47 ? -12.019 2.218   -2.932  1.00 24.10 ? 47  THR A CA  1 
ATOM   347 C C   . THR A 1 47 ? -11.844 0.812   -2.382  1.00 25.30 ? 47  THR A C   1 
ATOM   348 O O   . THR A 1 47 ? -11.404 -0.070  -3.117  1.00 27.48 ? 47  THR A O   1 
ATOM   349 C CB  . THR A 1 47 ? -13.132 2.130   -4.006  1.00 25.50 ? 47  THR A CB  1 
ATOM   350 O OG1 . THR A 1 47 ? -13.687 3.396   -3.685  1.00 28.25 ? 47  THR A OG1 1 
ATOM   351 C CG2 . THR A 1 47 ? -14.185 1.067   -3.764  1.00 26.40 ? 47  THR A CG2 1 
ATOM   352 N N   . VAL A 1 48 ? -12.300 0.638   -1.156  1.00 25.87 ? 48  VAL A N   1 
ATOM   353 C CA  . VAL A 1 48 ? -12.140 -0.691  -0.566  1.00 26.69 ? 48  VAL A CA  1 
ATOM   354 C C   . VAL A 1 48 ? -13.338 -1.615  -0.614  1.00 25.52 ? 48  VAL A C   1 
ATOM   355 O O   . VAL A 1 48 ? -14.471 -1.132  -0.583  1.00 27.13 ? 48  VAL A O   1 
ATOM   356 C CB  . VAL A 1 48 ? -11.547 -0.490  0.852   1.00 27.59 ? 48  VAL A CB  1 
ATOM   357 C CG1 . VAL A 1 48 ? -10.048 -0.725  0.781   1.00 26.35 ? 48  VAL A CG1 1 
ATOM   358 C CG2 . VAL A 1 48 ? -11.974 0.830   1.485   1.00 27.81 ? 48  VAL A CG2 1 
ATOM   359 N N   . LYS A 1 49 ? -12.972 -2.878  -0.745  1.00 24.82 ? 49  LYS A N   1 
ATOM   360 C CA  . LYS A 1 49 ? -13.911 -3.984  -0.787  1.00 24.14 ? 49  LYS A CA  1 
ATOM   361 C C   . LYS A 1 49 ? -13.986 -4.383  0.695   1.00 23.66 ? 49  LYS A C   1 
ATOM   362 O O   . LYS A 1 49 ? -13.037 -4.170  1.491   1.00 23.68 ? 49  LYS A O   1 
ATOM   363 C CB  . LYS A 1 49 ? -13.443 -5.209  -1.532  1.00 26.31 ? 49  LYS A CB  1 
ATOM   364 C CG  . LYS A 1 49 ? -12.647 -5.179  -2.811  1.00 28.78 ? 49  LYS A CG  1 
ATOM   365 C CD  . LYS A 1 49 ? -12.731 -6.487  -3.615  1.00 30.06 ? 49  LYS A CD  1 
ATOM   366 C CE  . LYS A 1 49 ? -13.957 -7.262  -3.170  1.00 31.83 ? 49  LYS A CE  1 
ATOM   367 N NZ  . LYS A 1 49 ? -14.970 -7.400  -4.252  1.00 34.20 ? 49  LYS A NZ  1 
ATOM   368 N N   . THR A 1 50 ? -15.116 -4.963  1.050   1.00 22.26 ? 50  THR A N   1 
ATOM   369 C CA  . THR A 1 50 ? -15.201 -5.353  2.468   1.00 21.10 ? 50  THR A CA  1 
ATOM   370 C C   . THR A 1 50 ? -14.038 -6.311  2.833   1.00 18.59 ? 50  THR A C   1 
ATOM   371 O O   . THR A 1 50 ? -13.699 -7.333  2.200   1.00 17.63 ? 50  THR A O   1 
ATOM   372 C CB  . THR A 1 50 ? -16.620 -5.746  2.908   1.00 22.34 ? 50  THR A CB  1 
ATOM   373 O OG1 . THR A 1 50 ? -17.168 -4.624  3.610   1.00 21.17 ? 50  THR A OG1 1 
ATOM   374 C CG2 . THR A 1 50 ? -16.665 -6.956  3.838   1.00 22.78 ? 50  THR A CG2 1 
ATOM   375 N N   . GLY A 1 51 ? -13.419 -5.955  3.981   1.00 13.76 ? 51  GLY A N   1 
ATOM   376 C CA  . GLY A 1 51 ? -12.344 -6.694  4.557   1.00 9.46  ? 51  GLY A CA  1 
ATOM   377 C C   . GLY A 1 51 ? -10.939 -6.363  4.140   1.00 7.92  ? 51  GLY A C   1 
ATOM   378 O O   . GLY A 1 51 ? -9.924  -6.950  4.623   1.00 7.43  ? 51  GLY A O   1 
ATOM   379 N N   . VAL A 1 52 ? -10.791 -5.414  3.257   1.00 9.18  ? 52  VAL A N   1 
ATOM   380 C CA  . VAL A 1 52 ? -9.443  -5.032  2.784   1.00 9.14  ? 52  VAL A CA  1 
ATOM   381 C C   . VAL A 1 52 ? -9.190  -3.701  3.473   1.00 5.61  ? 52  VAL A C   1 
ATOM   382 O O   . VAL A 1 52 ? -10.178 -3.001  3.717   1.00 7.17  ? 52  VAL A O   1 
ATOM   383 C CB  . VAL A 1 52 ? -9.595  -4.866  1.256   1.00 5.83  ? 52  VAL A CB  1 
ATOM   384 C CG1 . VAL A 1 52 ? -8.637  -3.815  0.714   1.00 5.93  ? 52  VAL A CG1 1 
ATOM   385 C CG2 . VAL A 1 52 ? -9.528  -6.179  0.532   1.00 9.79  ? 52  VAL A CG2 1 
ATOM   386 N N   . ASP A 1 53 ? -7.962  -3.347  3.748   1.00 5.77  ? 53  ASP A N   1 
ATOM   387 C CA  . ASP A 1 53 ? -7.880  -2.032  4.460   1.00 5.97  ? 53  ASP A CA  1 
ATOM   388 C C   . ASP A 1 53 ? -6.925  -1.176  3.731   1.00 9.28  ? 53  ASP A C   1 
ATOM   389 O O   . ASP A 1 53 ? -6.068  -1.779  3.096   1.00 9.51  ? 53  ASP A O   1 
ATOM   390 C CB  . ASP A 1 53 ? -8.196  -2.343  5.866   1.00 9.84  ? 53  ASP A CB  1 
ATOM   391 C CG  . ASP A 1 53 ? -7.238  -1.734  6.837   1.00 12.61 ? 53  ASP A CG  1 
ATOM   392 O OD1 . ASP A 1 53 ? -6.572  -0.800  6.441   1.00 13.52 ? 53  ASP A OD1 1 
ATOM   393 O OD2 . ASP A 1 53 ? -7.361  -2.446  7.942   1.00 14.11 ? 53  ASP A OD2 1 
ATOM   394 N N   . ILE A 1 54 ? -7.127  0.100   3.657   1.00 9.24  ? 54  ILE A N   1 
ATOM   395 C CA  . ILE A 1 54 ? -6.311  0.997   2.846   1.00 4.75  ? 54  ILE A CA  1 
ATOM   396 C C   . ILE A 1 54 ? -5.712  2.140   3.596   1.00 5.61  ? 54  ILE A C   1 
ATOM   397 O O   . ILE A 1 54 ? -6.305  2.710   4.522   1.00 6.54  ? 54  ILE A O   1 
ATOM   398 C CB  . ILE A 1 54 ? -7.210  1.410   1.649   1.00 6.49  ? 54  ILE A CB  1 
ATOM   399 C CG1 . ILE A 1 54 ? -6.555  2.293   0.596   1.00 4.13  ? 54  ILE A CG1 1 
ATOM   400 C CG2 . ILE A 1 54 ? -8.602  1.957   1.918   1.00 6.48  ? 54  ILE A CG2 1 
ATOM   401 C CD1 . ILE A 1 54 ? -5.846  1.395   -0.421  1.00 4.32  ? 54  ILE A CD1 1 
ATOM   402 N N   . GLN A 1 55 ? -4.500  2.505   3.217   1.00 8.23  ? 55  GLN A N   1 
ATOM   403 C CA  . GLN A 1 55 ? -3.774  3.638   3.788   1.00 9.88  ? 55  GLN A CA  1 
ATOM   404 C C   . GLN A 1 55 ? -3.251  4.463   2.613   1.00 8.88  ? 55  GLN A C   1 
ATOM   405 O O   . GLN A 1 55 ? -2.669  3.956   1.660   1.00 8.38  ? 55  GLN A O   1 
ATOM   406 C CB  . GLN A 1 55 ? -2.673  3.360   4.773   1.00 13.97 ? 55  GLN A CB  1 
ATOM   407 C CG  . GLN A 1 55 ? -1.848  4.587   5.077   1.00 20.44 ? 55  GLN A CG  1 
ATOM   408 C CD  . GLN A 1 55 ? -1.005  4.614   6.334   1.00 25.12 ? 55  GLN A CD  1 
ATOM   409 O OE1 . GLN A 1 55 ? -0.838  5.640   7.056   1.00 27.83 ? 55  GLN A OE1 1 
ATOM   410 N NE2 . GLN A 1 55 ? -0.375  3.494   6.732   1.00 26.02 ? 55  GLN A NE2 1 
ATOM   411 N N   . CYS A 1 56 ? -3.584  5.722   2.723   1.00 8.85  ? 56  CYS A N   1 
ATOM   412 C CA  . CYS A 1 56 ? -3.229  6.752   1.776   1.00 8.18  ? 56  CYS A CA  1 
ATOM   413 C C   . CYS A 1 56 ? -2.530  7.966   2.381   1.00 8.73  ? 56  CYS A C   1 
ATOM   414 O O   . CYS A 1 56 ? -3.078  8.551   3.315   1.00 10.15 ? 56  CYS A O   1 
ATOM   415 C CB  . CYS A 1 56 ? -4.431  7.283   1.031   1.00 8.71  ? 56  CYS A CB  1 
ATOM   416 S SG  . CYS A 1 56 ? -5.277  6.126   0.003   1.00 11.92 ? 56  CYS A SG  1 
ATOM   417 N N   . CYS A 1 57 ? -1.464  8.337   1.718   1.00 8.15  ? 57  CYS A N   1 
ATOM   418 C CA  . CYS A 1 57 ? -0.524  9.429   1.937   1.00 6.70  ? 57  CYS A CA  1 
ATOM   419 C C   . CYS A 1 57 ? -0.116  10.092  0.608   1.00 6.72  ? 57  CYS A C   1 
ATOM   420 O O   . CYS A 1 57 ? -0.212  9.575   -0.531  1.00 5.48  ? 57  CYS A O   1 
ATOM   421 C CB  . CYS A 1 57 ? 0.587   8.893   2.801   1.00 5.70  ? 57  CYS A CB  1 
ATOM   422 S SG  . CYS A 1 57 ? 1.649   7.552   2.266   1.00 6.94  ? 57  CYS A SG  1 
ATOM   423 N N   . SER A 1 58 ? 0.374   11.307  0.749   1.00 6.22  ? 58  SER A N   1 
ATOM   424 C CA  . SER A 1 58 ? 0.801   12.177  -0.328  1.00 8.30  ? 58  SER A CA  1 
ATOM   425 C C   . SER A 1 58 ? 2.093   12.929  -0.049  1.00 7.80  ? 58  SER A C   1 
ATOM   426 O O   . SER A 1 58 ? 2.207   14.098  -0.398  1.00 7.74  ? 58  SER A O   1 
ATOM   427 C CB  . SER A 1 58 ? -0.311  13.159  -0.750  1.00 10.45 ? 58  SER A CB  1 
ATOM   428 O OG  . SER A 1 58 ? -0.664  14.004  0.355   1.00 12.74 ? 58  SER A OG  1 
ATOM   429 N N   . THR A 1 59 ? 3.078   12.264  0.487   1.00 7.18  ? 59  THR A N   1 
ATOM   430 C CA  . THR A 1 59 ? 4.441   12.681  0.803   1.00 8.04  ? 59  THR A CA  1 
ATOM   431 C C   . THR A 1 59 ? 5.312   11.779  -0.064  1.00 7.17  ? 59  THR A C   1 
ATOM   432 O O   . THR A 1 59 ? 4.977   10.588  -0.252  1.00 6.79  ? 59  THR A O   1 
ATOM   433 C CB  . THR A 1 59 ? 4.736   12.736  2.303   1.00 9.38  ? 59  THR A CB  1 
ATOM   434 O OG1 . THR A 1 59 ? 4.872   14.141  2.575   1.00 11.03 ? 59  THR A OG1 1 
ATOM   435 C CG2 . THR A 1 59 ? 5.936   11.996  2.843   1.00 10.33 ? 59  THR A CG2 1 
ATOM   436 N N   . ASP A 1 60 ? 6.424   12.243  -0.575  1.00 5.96  ? 60  ASP A N   1 
ATOM   437 C CA  . ASP A 1 60 ? 7.180   11.269  -1.413  1.00 8.77  ? 60  ASP A CA  1 
ATOM   438 C C   . ASP A 1 60 ? 7.593   9.985   -0.696  1.00 8.97  ? 60  ASP A C   1 
ATOM   439 O O   . ASP A 1 60 ? 7.964   9.977   0.502   1.00 9.53  ? 60  ASP A O   1 
ATOM   440 C CB  . ASP A 1 60 ? 8.312   12.086  -2.037  1.00 11.78 ? 60  ASP A CB  1 
ATOM   441 C CG  . ASP A 1 60 ? 8.209   11.968  -3.543  1.00 14.47 ? 60  ASP A CG  1 
ATOM   442 O OD1 . ASP A 1 60 ? 7.456   12.575  -4.254  1.00 13.19 ? 60  ASP A OD1 1 
ATOM   443 O OD2 . ASP A 1 60 ? 9.022   11.033  -3.996  1.00 18.11 ? 60  ASP A OD2 1 
ATOM   444 N N   . ASN A 1 61 ? 7.551   8.794   -1.299  1.00 6.86  ? 61  ASN A N   1 
ATOM   445 C CA  . ASN A 1 61 ? 7.969   7.608   -0.582  1.00 7.14  ? 61  ASN A CA  1 
ATOM   446 C C   . ASN A 1 61 ? 7.397   7.177   0.753   1.00 7.19  ? 61  ASN A C   1 
ATOM   447 O O   . ASN A 1 61 ? 8.010   6.423   1.581   1.00 10.72 ? 61  ASN A O   1 
ATOM   448 C CB  . ASN A 1 61 ? 9.497   7.909   -0.357  1.00 9.11  ? 61  ASN A CB  1 
ATOM   449 C CG  . ASN A 1 61 ? 10.313  7.559   -1.607  1.00 10.48 ? 61  ASN A CG  1 
ATOM   450 O OD1 . ASN A 1 61 ? 9.725   7.179   -2.647  1.00 10.81 ? 61  ASN A OD1 1 
ATOM   451 N ND2 . ASN A 1 61 ? 11.629  7.704   -1.466  1.00 10.38 ? 61  ASN A ND2 1 
ATOM   452 N N   . CYS A 1 62 ? 6.254   7.559   1.200   1.00 6.60  ? 62  CYS A N   1 
ATOM   453 C CA  . CYS A 1 62 ? 5.482   7.324   2.387   1.00 4.80  ? 62  CYS A CA  1 
ATOM   454 C C   . CYS A 1 62 ? 4.770   5.985   2.425   1.00 5.09  ? 62  CYS A C   1 
ATOM   455 O O   . CYS A 1 62 ? 4.135   5.833   3.493   1.00 8.10  ? 62  CYS A O   1 
ATOM   456 C CB  . CYS A 1 62 ? 4.454   8.465   2.549   1.00 9.59  ? 62  CYS A CB  1 
ATOM   457 S SG  . CYS A 1 62 ? 3.203   8.568   1.292   1.00 9.05  ? 62  CYS A SG  1 
ATOM   458 N N   . ASN A 1 63 ? 4.870   5.045   1.514   1.00 3.33  ? 63  ASN A N   1 
ATOM   459 C CA  . ASN A 1 63 ? 4.201   3.748   1.517   1.00 9.00  ? 63  ASN A CA  1 
ATOM   460 C C   . ASN A 1 63 ? 5.105   2.551   1.629   1.00 9.00  ? 63  ASN A C   1 
ATOM   461 O O   . ASN A 1 63 ? 4.932   1.591   0.933   1.00 9.00  ? 63  ASN A O   1 
ATOM   462 C CB  . ASN A 1 63 ? 3.144   3.516   0.440   1.00 9.00  ? 63  ASN A CB  1 
ATOM   463 C CG  . ASN A 1 63 ? 3.611   3.359   -0.979  1.00 9.00  ? 63  ASN A CG  1 
ATOM   464 O OD1 . ASN A 1 63 ? 4.689   3.942   -1.104  1.00 9.00  ? 63  ASN A OD1 1 
ATOM   465 N ND2 . ASN A 1 63 ? 2.925   2.788   -1.930  1.00 9.00  ? 63  ASN A ND2 1 
ATOM   466 N N   . PRO A 1 64 ? 6.101   2.508   2.452   1.00 3.44  ? 64  PRO A N   1 
ATOM   467 C CA  . PRO A 1 64 ? 6.954   1.334   2.647   1.00 4.97  ? 64  PRO A CA  1 
ATOM   468 C C   . PRO A 1 64 ? 6.196   0.173   3.319   1.00 6.82  ? 64  PRO A C   1 
ATOM   469 O O   . PRO A 1 64 ? 5.109   0.393   3.899   1.00 9.92  ? 64  PRO A O   1 
ATOM   470 C CB  . PRO A 1 64 ? 8.047   1.838   3.639   1.00 9.47  ? 64  PRO A CB  1 
ATOM   471 C CG  . PRO A 1 64 ? 7.328   2.826   4.478   1.00 9.00  ? 64  PRO A CG  1 
ATOM   472 C CD  . PRO A 1 64 ? 6.443   3.580   3.473   1.00 9.88  ? 64  PRO A CD  1 
ATOM   473 N N   . PHE A 1 65 ? 6.675   -1.063  3.250   1.00 11.77 ? 65  PHE A N   1 
ATOM   474 C CA  . PHE A 1 65 ? 5.948   -2.173  3.910   1.00 18.49 ? 65  PHE A CA  1 
ATOM   475 C C   . PHE A 1 65 ? 5.519   -1.826  5.344   1.00 21.07 ? 65  PHE A C   1 
ATOM   476 O O   . PHE A 1 65 ? 6.411   -1.429  6.101   1.00 21.58 ? 65  PHE A O   1 
ATOM   477 C CB  . PHE A 1 65 ? 6.713   -3.452  4.152   1.00 20.74 ? 65  PHE A CB  1 
ATOM   478 C CG  . PHE A 1 65 ? 7.237   -4.304  3.067   1.00 23.81 ? 65  PHE A CG  1 
ATOM   479 C CD1 . PHE A 1 65 ? 6.389   -5.014  2.236   1.00 25.60 ? 65  PHE A CD1 1 
ATOM   480 C CD2 . PHE A 1 65 ? 8.619   -4.435  2.937   1.00 25.50 ? 65  PHE A CD2 1 
ATOM   481 C CE1 . PHE A 1 65 ? 6.925   -5.809  1.218   1.00 27.57 ? 65  PHE A CE1 1 
ATOM   482 C CE2 . PHE A 1 65 ? 9.207   -5.236  1.973   1.00 26.59 ? 65  PHE A CE2 1 
ATOM   483 C CZ  . PHE A 1 65 ? 8.336   -5.910  1.118   1.00 28.21 ? 65  PHE A CZ  1 
ATOM   484 N N   . PRO A 1 66 ? 4.276   -2.034  5.708   1.00 23.85 ? 66  PRO A N   1 
ATOM   485 C CA  . PRO A 1 66 ? 3.825   -1.749  7.086   1.00 26.16 ? 66  PRO A CA  1 
ATOM   486 C C   . PRO A 1 66 ? 4.341   -2.862  7.978   1.00 29.54 ? 66  PRO A C   1 
ATOM   487 O O   . PRO A 1 66 ? 4.740   -3.891  7.395   1.00 29.08 ? 66  PRO A O   1 
ATOM   488 C CB  . PRO A 1 66 ? 2.298   -1.801  6.982   1.00 24.68 ? 66  PRO A CB  1 
ATOM   489 C CG  . PRO A 1 66 ? 1.881   -2.007  5.546   1.00 23.99 ? 66  PRO A CG  1 
ATOM   490 C CD  . PRO A 1 66 ? 3.138   -2.508  4.842   1.00 23.55 ? 66  PRO A CD  1 
ATOM   491 N N   . THR A 1 67 ? 4.417   -2.769  9.287   1.00 35.68 ? 67  THR A N   1 
ATOM   492 C CA  . THR A 1 67 ? 4.877   -4.028  9.968   1.00 42.80 ? 67  THR A CA  1 
ATOM   493 C C   . THR A 1 67 ? 3.756   -4.459  10.938  1.00 45.58 ? 67  THR A C   1 
ATOM   494 O O   . THR A 1 67 ? 3.318   -3.786  11.884  1.00 47.68 ? 67  THR A O   1 
ATOM   495 C CB  . THR A 1 67 ? 6.321   -4.281  10.348  1.00 43.50 ? 67  THR A CB  1 
ATOM   496 O OG1 . THR A 1 67 ? 6.989   -4.198  9.074   1.00 45.18 ? 67  THR A OG1 1 
ATOM   497 C CG2 . THR A 1 67 ? 6.702   -5.657  10.934  1.00 43.01 ? 67  THR A CG2 1 
ATOM   498 N N   . ARG A 1 68 ? 3.251   -5.620  10.580  1.00 47.85 ? 68  ARG A N   1 
ATOM   499 C CA  . ARG A 1 68 ? 2.164   -6.459  11.089  1.00 49.22 ? 68  ARG A CA  1 
ATOM   500 C C   . ARG A 1 68 ? 1.332   -6.684  9.793   1.00 50.29 ? 68  ARG A C   1 
ATOM   501 O O   . ARG A 1 68 ? 0.641   -7.654  9.523   1.00 49.64 ? 68  ARG A O   1 
ATOM   502 N N   . LYS A 1 69 ? 1.533   -5.659  8.983   1.00 51.55 ? 69  LYS A N   1 
ATOM   503 C CA  . LYS A 1 69 ? 0.965   -5.451  7.680   1.00 54.15 ? 69  LYS A CA  1 
ATOM   504 C C   . LYS A 1 69 ? -0.140  -4.398  7.581   1.00 55.89 ? 69  LYS A C   1 
ATOM   505 O O   . LYS A 1 69 ? -0.978  -4.540  6.643   1.00 57.58 ? 69  LYS A O   1 
ATOM   506 N N   . ARG A 1 70 ? -0.279  -3.391  8.392   1.00 56.28 ? 70  ARG A N   1 
ATOM   507 C CA  . ARG A 1 70 ? -1.145  -2.226  8.591   1.00 55.82 ? 70  ARG A CA  1 
ATOM   508 C C   . ARG A 1 70 ? -0.289  -1.292  9.461   1.00 56.46 ? 70  ARG A C   1 
ATOM   509 O O   . ARG A 1 70 ? 0.211   -0.313  8.871   1.00 57.37 ? 70  ARG A O   1 
ATOM   510 C CB  . ARG A 1 70 ? -2.576  -2.395  9.012   1.00 54.52 ? 70  ARG A CB  1 
ATOM   511 N N   . PRO A 1 71 ? 0.008   -1.579  10.711  1.00 56.81 ? 71  PRO A N   1 
ATOM   512 C CA  . PRO A 1 71 ? 0.884   -0.759  11.561  1.00 56.45 ? 71  PRO A CA  1 
ATOM   513 C C   . PRO A 1 71 ? 2.216   -0.526  10.835  1.00 56.21 ? 71  PRO A C   1 
ATOM   514 O O   . PRO A 1 71 ? 2.331   0.556   10.210  1.00 56.40 ? 71  PRO A O   1 
ATOM   515 C CB  . PRO A 1 71 ? 1.146   -1.590  12.827  1.00 56.50 ? 71  PRO A CB  1 
ATOM   516 C CG  . PRO A 1 71 ? 0.682   -3.005  12.529  1.00 56.40 ? 71  PRO A CG  1 
ATOM   517 C CD  . PRO A 1 71 ? -0.472  -2.746  11.538  1.00 56.82 ? 71  PRO A CD  1 
ATOM   518 O OXT . PRO A 1 71 ? 3.053   -1.443  10.842  1.00 55.64 ? 71  PRO A OXT 1 
HETATM 519 O O   . HOH B 2 .  ? 1.790   8.038   -13.247 1.00 9.00  ? 72  HOH A O   1 
HETATM 520 O O   . HOH B 2 .  ? 1.997   -14.516 -3.551  0.5  31.55 ? 73  HOH A O   1 
HETATM 521 O O   . HOH B 2 .  ? 11.064  5.685   -11.721 1.00 8.30  ? 74  HOH A O   1 
HETATM 522 O O   . HOH B 2 .  ? 2.621   1.751   4.489   1.00 13.23 ? 75  HOH A O   1 
HETATM 523 O O   . HOH B 2 .  ? 5.962   -1.739  11.228  1.00 22.87 ? 76  HOH A O   1 
HETATM 524 O O   . HOH B 2 .  ? -7.812  11.651  -1.429  1.00 40.29 ? 77  HOH A O   1 
HETATM 525 O O   . HOH B 2 .  ? -5.833  -7.291  -3.492  1.00 62.17 ? 78  HOH A O   1 
HETATM 526 O O   . HOH B 2 .  ? 15.231  7.946   -3.042  1.00 36.74 ? 79  HOH A O   1 
HETATM 527 O O   . HOH B 2 .  ? -1.881  -15.614 0.167   1.00 32.97 ? 80  HOH A O   1 
HETATM 528 O O   . HOH B 2 .  ? -2.009  8.013   -12.781 1.00 20.00 ? 81  HOH A O   1 
HETATM 529 O O   . HOH B 2 .  ? -3.012  -13.278 5.873   1.00 17.14 ? 82  HOH A O   1 
HETATM 530 O O   . HOH B 2 .  ? -3.204  -0.632  4.765   1.00 20.00 ? 83  HOH A O   1 
HETATM 531 O O   . HOH B 2 .  ? 7.151   15.039  -0.840  1.00 10.73 ? 84  HOH A O   1 
HETATM 532 O O   . HOH B 2 .  ? 13.096  7.665   0.692   1.00 14.39 ? 85  HOH A O   1 
HETATM 533 O O   . HOH B 2 .  ? -11.569 8.473   -6.698  1.00 34.95 ? 86  HOH A O   1 
HETATM 534 O O   . HOH B 2 .  ? 8.376   -9.054  0.802   1.00 20.95 ? 87  HOH A O   1 
HETATM 535 O O   . HOH B 2 .  ? 10.263  -0.261  -13.819 0.5  44.28 ? 88  HOH A O   1 
HETATM 536 O O   . HOH B 2 .  ? 0.267   -6.262  -7.914  1.00 20.00 ? 89  HOH A O   1 
HETATM 537 O O   . HOH B 2 .  ? 8.074   12.021  -13.156 1.00 36.90 ? 90  HOH A O   1 
HETATM 538 O O   . HOH B 2 .  ? -19.310 -4.238  5.314   1.00 36.92 ? 91  HOH A O   1 
HETATM 539 O O   . HOH B 2 .  ? -10.253 -3.870  -1.968  1.00 16.49 ? 92  HOH A O   1 
HETATM 540 O O   . HOH B 2 .  ? 13.430  4.157   -10.193 1.00 33.43 ? 93  HOH A O   1 
HETATM 541 O O   . HOH B 2 .  ? -9.873  10.156  -2.001  1.00 27.60 ? 94  HOH A O   1 
HETATM 542 O O   . HOH B 2 .  ? 0.507   4.518   3.095   1.00 21.70 ? 95  HOH A O   1 
HETATM 543 O O   . HOH B 2 .  ? 1.005   -9.866  -1.300  1.00 44.59 ? 96  HOH A O   1 
HETATM 544 O O   . HOH B 2 .  ? 6.376   -5.655  -2.408  1.00 41.24 ? 97  HOH A O   1 
HETATM 545 O O   . HOH B 2 .  ? -8.838  -13.715 2.211   1.00 27.11 ? 98  HOH A O   1 
HETATM 546 O O   . HOH B 2 .  ? -2.530  -2.549  -7.565  1.00 20.00 ? 99  HOH A O   1 
HETATM 547 O O   . HOH B 2 .  ? -3.080  -17.413 10.933  1.00 15.58 ? 100 HOH A O   1 
HETATM 548 O O   . HOH B 2 .  ? -7.759  -6.031  7.112   1.00 33.08 ? 101 HOH A O   1 
HETATM 549 O O   . HOH B 2 .  ? 2.884   11.760  4.184   1.00 59.08 ? 102 HOH A O   1 
# 
